data_9MUE
#
_entry.id   9MUE
#
_cell.length_a   1.00
_cell.length_b   1.00
_cell.length_c   1.00
_cell.angle_alpha   90.00
_cell.angle_beta   90.00
_cell.angle_gamma   90.00
#
_symmetry.space_group_name_H-M   'P 1'
#
loop_
_entity.id
_entity.type
_entity.pdbx_description
1 polymer 'Cat1 (CRISPR associated TIR 1) pentagonal filament assembly'
2 polymer "RNA (5'-R(P*AP*AP*AP*A)-3')"
3 non-polymer '[(2R,3S,4R,5R)-5-(6-AMINOPURIN-9-YL)-3,4-DIHYDROXY-OXOLAN-2-YL]METHYL[HYDROXY-[[(2R,3S,4R,5S)-3,4,5-TRIHYDROXYOXOLAN-2-YL]METHOXY]PHOSPHORYL] HYDROGEN PHOSPHATE'
#
loop_
_entity_poly.entity_id
_entity_poly.type
_entity_poly.pdbx_seq_one_letter_code
_entity_poly.pdbx_strand_id
1 'polypeptide(L)'
;MPQAFFSHNNKDKKIVLEVLEHLRQSLVATWIDQQSIPGGGSLIQQIIAGISKSQYFLAFLSNEYLKSDWCWDELEQAYA
LHQKGKVKIIPILLTNRAQLDLNALTDARRNFLESILTRLKYVEFDPHNMTRSLGSVAEALWQNEAVRFEPIRMIKVNGT
ELQVVEFKIPGSNLPVDFLHHWDLKIEDFIATSPNEQKPVKFDVPVALYGPGPNWLYAFLTLPFKNRNTVFVFNSRTSEY
ICVYSKSAGLAPGMVLKGHHHHH
;
A,B,C,D
2 'polyribonucleotide' AAAA a,b
#
# COMPACT_ATOMS: atom_id res chain seq x y z
N PRO A 2 8.11 23.73 -5.30
CA PRO A 2 7.92 24.47 -6.57
C PRO A 2 8.77 23.91 -7.69
N GLN A 3 8.44 24.26 -8.93
CA GLN A 3 9.27 23.90 -10.07
C GLN A 3 10.31 24.98 -10.34
N ALA A 4 11.38 24.60 -11.02
CA ALA A 4 12.44 25.52 -11.40
C ALA A 4 13.16 24.98 -12.62
N PHE A 5 13.11 25.72 -13.73
CA PHE A 5 13.74 25.33 -14.98
C PHE A 5 15.04 26.09 -15.14
N PHE A 6 16.03 25.45 -15.77
CA PHE A 6 17.36 26.03 -15.94
C PHE A 6 17.56 26.38 -17.40
N SER A 7 17.98 27.61 -17.67
CA SER A 7 18.36 28.07 -19.00
C SER A 7 19.84 28.41 -18.97
N HIS A 8 20.60 27.82 -19.86
CA HIS A 8 22.06 27.90 -19.79
C HIS A 8 22.66 27.59 -21.15
N ASN A 9 23.98 27.78 -21.22
CA ASN A 9 24.78 27.37 -22.36
C ASN A 9 25.61 26.14 -21.97
N ASN A 10 26.04 25.39 -22.99
CA ASN A 10 26.79 24.16 -22.76
C ASN A 10 28.14 24.40 -22.10
N LYS A 11 28.68 25.63 -22.18
CA LYS A 11 29.99 25.89 -21.61
C LYS A 11 29.99 25.77 -20.09
N ASP A 12 28.92 26.26 -19.43
CA ASP A 12 28.84 26.28 -17.98
C ASP A 12 28.11 25.07 -17.41
N LYS A 13 28.15 23.94 -18.13
CA LYS A 13 27.45 22.74 -17.68
C LYS A 13 27.99 22.23 -16.36
N LYS A 14 29.29 22.42 -16.10
CA LYS A 14 29.87 21.94 -14.86
C LYS A 14 29.23 22.62 -13.65
N ILE A 15 29.04 23.93 -13.72
CA ILE A 15 28.42 24.69 -12.64
C ILE A 15 26.92 24.42 -12.62
N VAL A 16 26.33 24.25 -13.81
CA VAL A 16 24.88 24.05 -13.91
C VAL A 16 24.48 22.76 -13.23
N LEU A 17 25.23 21.68 -13.46
CA LEU A 17 24.88 20.40 -12.85
C LEU A 17 25.04 20.45 -11.34
N GLU A 18 26.07 21.16 -10.85
CA GLU A 18 26.28 21.25 -9.40
C GLU A 18 25.17 22.03 -8.72
N VAL A 19 24.79 23.18 -9.29
CA VAL A 19 23.70 23.95 -8.69
C VAL A 19 22.39 23.19 -8.81
N LEU A 20 22.21 22.44 -9.90
CA LEU A 20 21.03 21.59 -10.04
C LEU A 20 20.98 20.55 -8.94
N GLU A 21 22.11 19.91 -8.64
CA GLU A 21 22.14 18.91 -7.58
C GLU A 21 21.85 19.53 -6.22
N HIS A 22 22.44 20.69 -5.95
CA HIS A 22 22.17 21.36 -4.68
C HIS A 22 20.69 21.71 -4.55
N LEU A 23 20.10 22.25 -5.62
CA LEU A 23 18.67 22.57 -5.57
C LEU A 23 17.84 21.32 -5.35
N ARG A 24 18.11 20.25 -6.09
CA ARG A 24 17.35 19.01 -5.92
C ARG A 24 17.50 18.47 -4.51
N GLN A 25 18.63 18.77 -3.85
CA GLN A 25 18.76 18.40 -2.45
C GLN A 25 17.83 19.20 -1.54
N SER A 26 17.20 20.25 -2.06
CA SER A 26 16.31 21.11 -1.28
C SER A 26 14.84 20.92 -1.63
N LEU A 27 14.49 19.75 -2.18
CA LEU A 27 13.10 19.37 -2.44
C LEU A 27 12.38 20.36 -3.37
N VAL A 28 13.05 20.71 -4.47
CA VAL A 28 12.45 21.54 -5.52
C VAL A 28 12.58 20.80 -6.84
N ALA A 29 11.50 20.77 -7.61
CA ALA A 29 11.52 20.08 -8.90
C ALA A 29 12.41 20.83 -9.88
N THR A 30 13.40 20.12 -10.44
CA THR A 30 14.32 20.69 -11.41
C THR A 30 14.21 19.92 -12.72
N TRP A 31 13.90 20.64 -13.79
CA TRP A 31 13.80 20.04 -15.13
C TRP A 31 14.74 20.81 -16.05
N ILE A 32 15.63 20.09 -16.73
CA ILE A 32 16.58 20.68 -17.67
C ILE A 32 16.31 20.23 -19.10
N ASP A 33 16.03 18.95 -19.30
CA ASP A 33 15.77 18.43 -20.64
C ASP A 33 14.99 17.11 -20.57
N SER A 42 10.30 21.15 -24.92
CA SER A 42 11.08 22.34 -24.64
C SER A 42 10.78 22.87 -23.25
N LEU A 43 10.92 24.18 -23.06
CA LEU A 43 10.73 24.81 -21.76
C LEU A 43 9.71 25.94 -21.74
N ILE A 44 9.37 26.51 -22.89
CA ILE A 44 8.52 27.71 -22.89
C ILE A 44 7.05 27.33 -22.99
N GLN A 45 6.71 26.43 -23.92
CA GLN A 45 5.36 25.86 -23.91
C GLN A 45 5.13 24.97 -22.70
N GLN A 46 6.21 24.53 -22.06
CA GLN A 46 6.12 23.75 -20.84
C GLN A 46 5.79 24.63 -19.64
N ILE A 47 5.90 25.96 -19.80
CA ILE A 47 5.59 26.89 -18.72
C ILE A 47 4.12 26.81 -18.31
N ILE A 48 3.19 26.75 -19.26
CA ILE A 48 1.76 26.78 -18.94
C ILE A 48 1.40 25.37 -18.49
N ALA A 49 1.50 25.15 -17.18
CA ALA A 49 1.17 23.87 -16.58
C ALA A 49 0.96 24.01 -15.07
N GLY A 50 -0.07 23.36 -14.54
CA GLY A 50 -0.31 23.37 -13.11
C GLY A 50 -1.22 24.51 -12.69
N ILE A 51 -0.81 25.26 -11.67
CA ILE A 51 -1.60 26.35 -11.12
C ILE A 51 -0.87 27.66 -11.38
N SER A 52 -1.49 28.79 -10.98
CA SER A 52 -0.86 30.08 -11.17
C SER A 52 0.51 30.14 -10.50
N LYS A 53 0.64 29.51 -9.34
CA LYS A 53 1.94 29.25 -8.72
C LYS A 53 2.58 28.13 -9.54
N SER A 54 3.18 28.51 -10.66
CA SER A 54 3.74 27.52 -11.57
C SER A 54 5.20 27.22 -11.22
N GLN A 55 6.07 28.22 -11.30
CA GLN A 55 7.49 28.01 -11.08
C GLN A 55 8.21 29.35 -11.10
N TYR A 56 9.54 29.28 -11.01
CA TYR A 56 10.44 30.42 -11.12
C TYR A 56 11.50 30.12 -12.16
N PHE A 57 11.80 31.10 -13.00
CA PHE A 57 12.74 30.91 -14.10
C PHE A 57 14.16 31.18 -13.62
N LEU A 58 15.04 30.20 -13.78
CA LEU A 58 16.45 30.32 -13.42
C LEU A 58 17.24 30.63 -14.69
N ALA A 59 17.65 31.88 -14.84
CA ALA A 59 18.44 32.32 -15.99
C ALA A 59 19.90 32.47 -15.57
N PHE A 60 20.80 31.79 -16.29
CA PHE A 60 22.22 31.79 -15.95
C PHE A 60 22.96 32.67 -16.94
N LEU A 61 23.14 33.94 -16.59
CA LEU A 61 23.77 34.90 -17.50
C LEU A 61 25.28 34.73 -17.49
N SER A 62 25.87 34.67 -18.68
CA SER A 62 27.32 34.52 -18.81
C SER A 62 27.77 35.18 -20.11
N ASN A 63 29.09 35.43 -20.20
CA ASN A 63 29.62 36.21 -21.31
C ASN A 63 29.49 35.47 -22.64
N GLU A 64 29.76 34.16 -22.66
CA GLU A 64 29.59 33.41 -23.90
C GLU A 64 28.12 33.07 -24.13
N TYR A 65 27.30 33.17 -23.08
CA TYR A 65 25.90 32.76 -23.16
C TYR A 65 25.10 33.73 -24.02
N LEU A 66 25.24 35.04 -23.77
CA LEU A 66 24.38 36.02 -24.43
C LEU A 66 24.72 36.22 -25.90
N LYS A 67 25.83 35.64 -26.37
CA LYS A 67 26.22 35.75 -27.76
C LYS A 67 25.34 34.94 -28.70
N SER A 68 24.45 34.11 -28.16
CA SER A 68 23.60 33.23 -28.96
C SER A 68 22.17 33.78 -28.93
N ASP A 69 21.61 34.02 -30.12
CA ASP A 69 20.22 34.47 -30.21
C ASP A 69 19.25 33.34 -29.88
N TRP A 70 19.62 32.10 -30.23
CA TRP A 70 18.76 30.96 -29.93
C TRP A 70 18.82 30.61 -28.45
N CYS A 71 19.73 31.21 -27.70
CA CYS A 71 19.69 31.25 -26.24
C CYS A 71 19.05 32.51 -25.70
N TRP A 72 18.36 33.29 -26.53
CA TRP A 72 17.84 34.59 -26.12
C TRP A 72 16.37 34.80 -26.48
N ASP A 73 15.88 34.19 -27.56
CA ASP A 73 14.47 34.34 -27.92
C ASP A 73 13.56 33.78 -26.84
N GLU A 74 13.94 32.65 -26.25
CA GLU A 74 13.12 32.08 -25.19
C GLU A 74 13.00 33.03 -24.01
N LEU A 75 14.11 33.69 -23.65
CA LEU A 75 14.07 34.63 -22.54
C LEU A 75 13.28 35.88 -22.89
N GLU A 76 13.36 36.33 -24.15
CA GLU A 76 12.53 37.46 -24.58
C GLU A 76 11.05 37.14 -24.38
N GLN A 77 10.61 36.00 -24.92
CA GLN A 77 9.19 35.67 -24.80
C GLN A 77 8.84 35.25 -23.37
N ALA A 78 9.84 34.84 -22.59
CA ALA A 78 9.63 34.54 -21.18
C ALA A 78 9.37 35.81 -20.39
N TYR A 79 10.08 36.88 -20.71
CA TYR A 79 9.74 38.19 -20.15
C TYR A 79 8.36 38.62 -20.60
N ALA A 80 8.03 38.37 -21.86
CA ALA A 80 6.70 38.72 -22.36
C ALA A 80 5.60 38.05 -21.55
N LEU A 81 5.78 36.76 -21.26
CA LEU A 81 4.79 36.02 -20.48
C LEU A 81 4.96 36.17 -18.97
N HIS A 82 6.07 36.73 -18.50
CA HIS A 82 6.23 37.06 -17.09
C HIS A 82 5.56 38.38 -16.74
N GLN A 83 5.51 39.32 -17.68
CA GLN A 83 4.75 40.55 -17.44
C GLN A 83 3.28 40.28 -17.13
N LYS A 84 2.72 39.17 -17.63
CA LYS A 84 1.36 38.81 -17.26
C LYS A 84 1.29 38.15 -15.88
N GLY A 85 2.44 37.86 -15.27
CA GLY A 85 2.47 37.30 -13.93
C GLY A 85 2.42 35.80 -13.85
N LYS A 86 2.52 35.08 -14.97
CA LYS A 86 2.47 33.62 -14.92
C LYS A 86 3.72 33.06 -14.24
N VAL A 87 4.90 33.56 -14.59
CA VAL A 87 6.16 33.08 -14.04
C VAL A 87 7.02 34.29 -13.67
N LYS A 88 8.02 34.04 -12.82
CA LYS A 88 8.97 35.06 -12.43
C LYS A 88 10.38 34.61 -12.78
N ILE A 89 11.20 35.55 -13.22
CA ILE A 89 12.58 35.28 -13.61
C ILE A 89 13.51 35.79 -12.52
N ILE A 90 14.61 35.08 -12.29
CA ILE A 90 15.67 35.49 -11.40
C ILE A 90 17.00 35.24 -12.10
N PRO A 91 17.78 36.28 -12.41
CA PRO A 91 19.00 36.08 -13.20
C PRO A 91 20.20 35.68 -12.36
N ILE A 92 21.06 34.82 -12.92
CA ILE A 92 22.30 34.41 -12.28
C ILE A 92 23.46 34.94 -13.12
N LEU A 93 24.35 35.70 -12.47
CA LEU A 93 25.52 36.25 -13.13
C LEU A 93 26.70 35.30 -12.92
N LEU A 94 27.10 34.61 -13.99
CA LEU A 94 28.30 33.79 -13.92
C LEU A 94 29.53 34.65 -13.65
N THR A 95 29.60 35.81 -14.29
CA THR A 95 30.64 36.81 -14.04
C THR A 95 29.98 38.07 -13.50
N ASN A 96 30.81 38.90 -12.85
CA ASN A 96 30.30 40.11 -12.21
C ASN A 96 29.82 41.11 -13.26
N ARG A 97 28.91 41.99 -12.83
CA ARG A 97 28.27 42.94 -13.73
C ARG A 97 29.28 43.79 -14.51
N ALA A 98 30.39 44.17 -13.87
CA ALA A 98 31.30 45.13 -14.47
C ALA A 98 31.93 44.58 -15.76
N GLN A 99 32.33 43.31 -15.75
CA GLN A 99 33.07 42.73 -16.87
C GLN A 99 32.16 41.98 -17.84
N LEU A 100 30.84 42.16 -17.75
CA LEU A 100 29.94 41.56 -18.73
C LEU A 100 30.11 42.25 -20.07
N ASP A 101 30.14 41.45 -21.15
CA ASP A 101 30.35 41.97 -22.50
C ASP A 101 29.04 42.55 -23.02
N LEU A 102 28.74 43.77 -22.58
CA LEU A 102 27.54 44.47 -23.01
C LEU A 102 27.72 45.23 -24.32
N ASN A 103 28.94 45.35 -24.82
CA ASN A 103 29.17 46.13 -26.03
C ASN A 103 28.75 45.38 -27.30
N ALA A 104 28.92 44.06 -27.30
CA ALA A 104 28.73 43.28 -28.52
C ALA A 104 27.28 43.32 -29.00
N LEU A 105 26.32 43.36 -28.08
CA LEU A 105 24.92 43.28 -28.46
C LEU A 105 24.45 44.58 -29.11
N THR A 106 23.29 44.50 -29.76
CA THR A 106 22.71 45.66 -30.43
C THR A 106 22.05 46.59 -29.40
N ASP A 107 21.42 47.65 -29.91
CA ASP A 107 20.81 48.64 -29.02
C ASP A 107 19.66 48.04 -28.24
N ALA A 108 18.71 47.40 -28.94
CA ALA A 108 17.53 46.86 -28.27
C ALA A 108 17.92 45.77 -27.27
N ARG A 109 18.87 44.92 -27.63
CA ARG A 109 19.35 43.90 -26.72
C ARG A 109 19.94 44.52 -25.46
N ARG A 110 20.74 45.57 -25.63
CA ARG A 110 21.37 46.22 -24.49
C ARG A 110 20.34 46.86 -23.57
N ASN A 111 19.35 47.56 -24.13
CA ASN A 111 18.34 48.18 -23.27
C ASN A 111 17.50 47.12 -22.55
N PHE A 112 17.16 46.03 -23.25
CA PHE A 112 16.37 44.99 -22.58
C PHE A 112 17.18 44.35 -21.45
N LEU A 113 18.47 44.10 -21.68
CA LEU A 113 19.31 43.52 -20.64
C LEU A 113 19.45 44.48 -19.45
N GLU A 114 19.64 45.77 -19.72
CA GLU A 114 19.78 46.72 -18.61
C GLU A 114 18.48 46.84 -17.83
N SER A 115 17.34 46.76 -18.52
CA SER A 115 16.05 46.75 -17.81
C SER A 115 15.92 45.51 -16.94
N ILE A 116 16.30 44.35 -17.48
CA ILE A 116 16.14 43.10 -16.76
C ILE A 116 17.08 43.03 -15.55
N LEU A 117 18.23 43.71 -15.62
CA LEU A 117 19.13 43.70 -14.46
C LEU A 117 18.93 44.92 -13.56
N THR A 118 18.10 45.89 -13.96
CA THR A 118 17.84 47.03 -13.09
C THR A 118 16.50 46.89 -12.36
N ARG A 119 15.41 46.73 -13.10
CA ARG A 119 14.09 46.70 -12.46
C ARG A 119 13.83 45.35 -11.79
N LEU A 120 14.62 44.33 -12.11
CA LEU A 120 14.46 43.01 -11.53
C LEU A 120 15.69 42.67 -10.70
N LYS A 121 15.46 42.19 -9.48
CA LYS A 121 16.55 41.92 -8.56
C LYS A 121 17.35 40.71 -9.05
N TYR A 122 18.67 40.86 -9.09
CA TYR A 122 19.58 39.83 -9.55
C TYR A 122 20.51 39.41 -8.41
N VAL A 123 21.02 38.18 -8.51
CA VAL A 123 22.02 37.69 -7.57
C VAL A 123 23.19 37.14 -8.37
N GLU A 124 24.37 37.14 -7.75
CA GLU A 124 25.61 36.79 -8.43
C GLU A 124 26.15 35.46 -7.92
N PHE A 125 26.69 34.65 -8.83
CA PHE A 125 27.27 33.36 -8.52
C PHE A 125 28.74 33.34 -8.91
N ASP A 126 29.58 32.80 -8.04
CA ASP A 126 31.00 32.65 -8.32
C ASP A 126 31.48 31.26 -7.92
N PRO A 127 32.54 30.76 -8.56
CA PRO A 127 33.04 29.42 -8.20
C PRO A 127 33.88 29.42 -6.92
N HIS A 128 34.52 30.53 -6.59
CA HIS A 128 35.42 30.56 -5.44
C HIS A 128 34.65 30.38 -4.13
N ASN A 129 33.59 31.16 -3.95
CA ASN A 129 32.75 31.07 -2.75
C ASN A 129 31.52 30.20 -3.04
N MET A 130 31.75 28.89 -3.12
CA MET A 130 30.69 27.97 -3.46
C MET A 130 29.56 28.00 -2.44
N THR A 131 29.90 27.89 -1.15
CA THR A 131 28.86 27.84 -0.12
C THR A 131 28.06 29.13 -0.08
N ARG A 132 28.74 30.28 -0.09
CA ARG A 132 28.04 31.55 -0.01
C ARG A 132 27.19 31.79 -1.25
N SER A 133 27.73 31.48 -2.44
CA SER A 133 26.96 31.69 -3.66
C SER A 133 25.72 30.80 -3.71
N LEU A 134 25.88 29.53 -3.32
CA LEU A 134 24.75 28.60 -3.29
C LEU A 134 23.70 29.04 -2.28
N GLY A 135 24.12 29.48 -1.10
CA GLY A 135 23.18 29.99 -0.13
C GLY A 135 22.45 31.23 -0.63
N SER A 136 23.18 32.14 -1.28
CA SER A 136 22.57 33.37 -1.76
C SER A 136 21.55 33.07 -2.87
N VAL A 137 21.88 32.18 -3.79
CA VAL A 137 20.91 31.85 -4.84
C VAL A 137 19.71 31.15 -4.24
N ALA A 138 19.92 30.28 -3.25
CA ALA A 138 18.78 29.62 -2.60
C ALA A 138 17.85 30.63 -1.94
N GLU A 139 18.41 31.56 -1.16
CA GLU A 139 17.56 32.52 -0.45
C GLU A 139 16.89 33.50 -1.40
N ALA A 140 17.62 33.99 -2.41
CA ALA A 140 17.01 34.90 -3.37
C ALA A 140 16.00 34.18 -4.25
N LEU A 141 16.07 32.85 -4.30
CA LEU A 141 15.12 32.08 -5.09
C LEU A 141 13.87 31.77 -4.27
N TRP A 142 14.02 31.64 -2.96
CA TRP A 142 12.91 31.34 -2.05
C TRP A 142 12.45 32.56 -1.26
N GLN A 143 12.74 33.77 -1.74
CA GLN A 143 12.36 34.96 -0.99
C GLN A 143 10.87 35.24 -1.08
N ASN A 144 10.22 34.88 -2.18
CA ASN A 144 8.83 35.22 -2.44
C ASN A 144 7.88 34.05 -2.21
N GLU A 145 8.32 33.00 -1.53
CA GLU A 145 7.55 31.77 -1.41
C GLU A 145 7.23 31.49 0.06
N ALA A 146 6.39 30.48 0.27
CA ALA A 146 6.00 30.00 1.59
C ALA A 146 7.12 29.15 2.18
N VAL A 147 6.77 28.34 3.20
CA VAL A 147 7.72 27.62 4.05
C VAL A 147 8.88 27.02 3.26
N ARG A 148 10.09 27.25 3.75
CA ARG A 148 11.32 26.87 3.07
C ARG A 148 11.56 25.37 3.22
N PHE A 149 12.73 24.92 2.73
CA PHE A 149 13.12 23.53 2.89
C PHE A 149 14.65 23.48 2.87
N GLU A 150 15.26 23.45 4.05
CA GLU A 150 16.71 23.40 4.12
C GLU A 150 17.24 22.09 3.56
N PRO A 151 18.45 22.09 3.00
CA PRO A 151 18.96 20.88 2.34
C PRO A 151 19.07 19.70 3.29
N ILE A 152 18.85 18.50 2.74
CA ILE A 152 18.91 17.28 3.53
C ILE A 152 20.32 17.08 4.05
N ARG A 153 20.43 16.74 5.34
CA ARG A 153 21.71 16.46 5.98
C ARG A 153 21.64 15.09 6.65
N MET A 154 22.69 14.30 6.48
CA MET A 154 22.77 12.97 7.09
C MET A 154 23.46 13.10 8.44
N ILE A 155 22.73 12.78 9.51
CA ILE A 155 23.25 12.85 10.87
C ILE A 155 22.95 11.53 11.58
N LYS A 156 23.96 10.94 12.20
CA LYS A 156 23.80 9.72 12.96
C LYS A 156 23.59 10.09 14.43
N VAL A 157 22.38 9.85 14.94
CA VAL A 157 22.00 10.23 16.28
C VAL A 157 21.82 8.97 17.12
N ASN A 158 22.54 8.90 18.24
CA ASN A 158 22.42 7.80 19.19
C ASN A 158 22.62 6.44 18.51
N GLY A 159 23.59 6.39 17.60
CA GLY A 159 23.91 5.15 16.92
C GLY A 159 22.93 4.72 15.85
N THR A 160 22.01 5.60 15.44
CA THR A 160 21.02 5.30 14.41
C THR A 160 21.16 6.30 13.29
N GLU A 161 21.39 5.79 12.08
CA GLU A 161 21.47 6.66 10.91
C GLU A 161 20.11 7.26 10.59
N LEU A 162 20.11 8.53 10.19
CA LEU A 162 18.86 9.23 9.92
C LEU A 162 19.15 10.44 9.05
N GLN A 163 18.27 10.70 8.10
CA GLN A 163 18.30 11.92 7.30
C GLN A 163 17.14 12.81 7.72
N VAL A 164 17.42 14.10 7.86
CA VAL A 164 16.46 15.05 8.41
C VAL A 164 16.20 16.14 7.37
N VAL A 165 14.92 16.42 7.13
CA VAL A 165 14.49 17.50 6.26
C VAL A 165 14.06 18.65 7.16
N GLU A 166 14.71 19.81 6.99
CA GLU A 166 14.46 20.97 7.82
C GLU A 166 13.68 22.01 7.02
N PHE A 167 12.59 22.50 7.60
CA PHE A 167 11.78 23.55 6.98
C PHE A 167 11.56 24.67 7.99
N LYS A 168 11.63 25.90 7.52
CA LYS A 168 11.43 27.07 8.35
C LYS A 168 10.26 27.89 7.82
N ILE A 169 9.45 28.42 8.73
CA ILE A 169 8.26 29.17 8.34
C ILE A 169 8.62 30.63 8.18
N PRO A 170 8.34 31.24 7.03
CA PRO A 170 8.58 32.68 6.87
C PRO A 170 7.47 33.47 7.52
N GLY A 171 7.77 34.09 8.66
CA GLY A 171 6.76 34.72 9.47
C GLY A 171 6.32 33.81 10.60
N SER A 172 5.02 33.82 10.92
CA SER A 172 4.51 32.96 11.97
C SER A 172 3.20 32.26 11.62
N ASN A 173 2.63 32.52 10.45
CA ASN A 173 1.35 31.91 10.09
C ASN A 173 1.29 31.73 8.58
N LEU A 174 0.45 30.78 8.17
CA LEU A 174 0.14 30.50 6.78
C LEU A 174 -1.36 30.58 6.58
N PRO A 175 -1.81 30.85 5.35
CA PRO A 175 -3.25 30.78 5.07
C PRO A 175 -3.78 29.38 5.38
N VAL A 176 -5.01 29.34 5.91
CA VAL A 176 -5.57 28.07 6.34
C VAL A 176 -5.75 27.11 5.18
N ASP A 177 -5.99 27.63 3.97
CA ASP A 177 -6.11 26.82 2.76
C ASP A 177 -4.84 26.83 1.91
N PHE A 178 -3.69 27.10 2.51
CA PHE A 178 -2.44 27.16 1.76
C PHE A 178 -2.10 25.81 1.13
N LEU A 179 -2.45 24.71 1.80
CA LEU A 179 -2.14 23.38 1.29
C LEU A 179 -2.81 23.12 -0.05
N HIS A 180 -3.93 23.77 -0.33
CA HIS A 180 -4.62 23.56 -1.60
C HIS A 180 -3.77 24.01 -2.79
N HIS A 181 -3.13 25.18 -2.67
CA HIS A 181 -2.38 25.76 -3.77
C HIS A 181 -0.92 25.37 -3.78
N TRP A 182 -0.46 24.57 -2.83
CA TRP A 182 0.90 24.08 -2.88
C TRP A 182 1.07 23.10 -4.04
N ASP A 183 2.22 23.20 -4.71
CA ASP A 183 2.52 22.37 -5.87
C ASP A 183 3.66 21.39 -5.62
N LEU A 184 3.91 21.04 -4.36
CA LEU A 184 4.98 20.11 -4.00
C LEU A 184 4.34 18.85 -3.42
N LYS A 185 4.65 17.70 -4.02
CA LYS A 185 4.28 16.41 -3.47
C LYS A 185 5.55 15.59 -3.29
N ILE A 186 5.70 14.98 -2.10
CA ILE A 186 6.94 14.32 -1.75
C ILE A 186 7.06 12.91 -2.32
N GLU A 187 6.01 12.42 -3.00
CA GLU A 187 6.02 11.04 -3.49
C GLU A 187 7.13 10.81 -4.50
N ASP A 188 7.31 11.75 -5.43
CA ASP A 188 8.29 11.56 -6.50
C ASP A 188 9.70 11.95 -6.09
N PHE A 189 9.89 12.43 -4.86
CA PHE A 189 11.21 12.82 -4.36
C PHE A 189 11.81 11.75 -3.46
N ILE A 190 11.32 10.52 -3.53
CA ILE A 190 11.82 9.41 -2.73
C ILE A 190 12.56 8.45 -3.65
N ALA A 191 13.76 8.05 -3.24
CA ALA A 191 14.54 7.10 -4.03
C ALA A 191 13.89 5.72 -3.99
N THR A 192 13.90 5.06 -5.15
CA THR A 192 13.38 3.70 -5.25
C THR A 192 14.47 2.63 -5.17
N SER A 193 15.71 2.97 -5.54
CA SER A 193 16.82 2.05 -5.51
C SER A 193 18.01 2.68 -4.80
N PRO A 194 18.84 1.87 -4.12
CA PRO A 194 20.01 2.45 -3.45
C PRO A 194 20.96 3.17 -4.39
N ASN A 195 21.13 2.67 -5.61
CA ASN A 195 22.07 3.30 -6.54
C ASN A 195 21.51 4.58 -7.12
N GLU A 196 20.19 4.67 -7.26
CA GLU A 196 19.57 5.85 -7.84
C GLU A 196 19.79 7.08 -6.96
N GLN A 197 20.05 8.21 -7.60
CA GLN A 197 20.24 9.47 -6.89
C GLN A 197 18.91 10.21 -6.78
N LYS A 198 18.58 10.63 -5.56
CA LYS A 198 17.32 11.29 -5.26
C LYS A 198 17.51 12.15 -4.02
N PRO A 199 16.64 13.13 -3.81
CA PRO A 199 16.77 13.96 -2.59
C PRO A 199 16.71 13.17 -1.31
N VAL A 200 15.89 12.12 -1.24
CA VAL A 200 15.72 11.32 -0.04
C VAL A 200 16.35 9.95 -0.28
N LYS A 201 17.26 9.55 0.61
CA LYS A 201 17.91 8.25 0.49
C LYS A 201 16.91 7.13 0.66
N PHE A 202 17.04 6.08 -0.14
CA PHE A 202 16.11 4.97 -0.10
C PHE A 202 16.28 4.16 1.17
N ASP A 203 15.16 3.86 1.83
CA ASP A 203 15.08 2.98 2.99
C ASP A 203 15.76 3.60 4.21
N VAL A 204 16.36 4.77 4.03
CA VAL A 204 17.00 5.46 5.15
C VAL A 204 15.94 6.24 5.91
N PRO A 205 15.89 6.14 7.25
CA PRO A 205 14.84 6.84 8.00
C PRO A 205 14.87 8.34 7.76
N VAL A 206 13.68 8.93 7.66
CA VAL A 206 13.51 10.36 7.40
C VAL A 206 12.82 11.00 8.60
N ALA A 207 13.36 12.13 9.04
CA ALA A 207 12.84 12.85 10.20
C ALA A 207 12.35 14.23 9.78
N LEU A 208 11.40 14.76 10.56
CA LEU A 208 10.85 16.08 10.33
C LEU A 208 11.33 17.02 11.42
N TYR A 209 11.85 18.17 11.03
CA TYR A 209 12.42 19.16 11.95
C TYR A 209 11.88 20.53 11.62
N GLY A 210 11.62 21.33 12.65
CA GLY A 210 11.18 22.69 12.46
C GLY A 210 9.79 22.93 12.99
N PRO A 211 9.57 24.11 13.59
CA PRO A 211 8.25 24.44 14.12
C PRO A 211 7.25 24.68 13.00
N GLY A 212 6.03 24.19 13.20
CA GLY A 212 4.98 24.34 12.23
C GLY A 212 3.66 23.74 12.71
N PRO A 213 2.58 24.10 12.05
CA PRO A 213 1.28 23.54 12.41
C PRO A 213 1.24 22.03 12.19
N ASN A 214 0.41 21.36 13.00
CA ASN A 214 0.38 19.90 12.99
C ASN A 214 -0.15 19.35 11.67
N TRP A 215 -1.04 20.09 11.00
CA TRP A 215 -1.59 19.58 9.74
C TRP A 215 -0.52 19.50 8.65
N LEU A 216 0.42 20.44 8.65
CA LEU A 216 1.55 20.34 7.73
C LEU A 216 2.41 19.13 8.06
N TYR A 217 2.58 18.84 9.35
CA TYR A 217 3.30 17.63 9.75
C TYR A 217 2.60 16.38 9.24
N ALA A 218 1.27 16.33 9.35
CA ALA A 218 0.53 15.19 8.82
C ALA A 218 0.69 15.09 7.31
N PHE A 219 0.60 16.22 6.61
CA PHE A 219 0.71 16.20 5.15
C PHE A 219 2.10 15.74 4.71
N LEU A 220 3.13 16.05 5.49
CA LEU A 220 4.47 15.64 5.11
C LEU A 220 4.74 14.18 5.48
N THR A 221 4.21 13.72 6.62
CA THR A 221 4.50 12.37 7.09
C THR A 221 3.66 11.31 6.39
N LEU A 222 2.41 11.63 6.06
CA LEU A 222 1.48 10.63 5.55
C LEU A 222 1.96 9.94 4.27
N PRO A 223 2.45 10.63 3.24
CA PRO A 223 2.83 9.91 2.00
C PRO A 223 4.03 8.99 2.15
N PHE A 224 4.62 8.88 3.34
CA PHE A 224 5.81 8.07 3.53
C PHE A 224 5.52 6.63 3.92
N LYS A 225 4.26 6.21 3.88
CA LYS A 225 3.91 4.86 4.32
C LYS A 225 4.52 3.82 3.38
N ASN A 226 5.08 2.78 3.97
CA ASN A 226 5.70 1.65 3.27
C ASN A 226 6.87 2.07 2.40
N ARG A 227 7.45 3.24 2.66
CA ARG A 227 8.64 3.70 1.95
C ARG A 227 9.83 3.87 2.88
N ASN A 228 9.68 4.65 3.95
CA ASN A 228 10.73 4.84 4.94
C ASN A 228 10.10 4.99 6.32
N THR A 229 10.85 4.61 7.35
CA THR A 229 10.43 4.91 8.71
C THR A 229 10.51 6.41 8.94
N VAL A 230 9.51 6.96 9.63
CA VAL A 230 9.40 8.40 9.81
C VAL A 230 9.67 8.75 11.27
N PHE A 231 10.63 9.63 11.49
CA PHE A 231 10.86 10.25 12.78
C PHE A 231 10.29 11.66 12.77
N VAL A 232 10.05 12.21 13.95
CA VAL A 232 9.51 13.56 14.09
C VAL A 232 10.03 14.17 15.37
N PHE A 233 10.16 15.49 15.36
CA PHE A 233 10.77 16.24 16.47
C PHE A 233 9.67 16.82 17.36
N ASN A 234 9.80 16.58 18.67
CA ASN A 234 8.91 17.17 19.66
C ASN A 234 9.73 18.10 20.53
N SER A 235 9.43 19.40 20.45
CA SER A 235 10.24 20.43 21.10
C SER A 235 10.00 20.54 22.60
N ARG A 236 9.00 19.83 23.14
CA ARG A 236 8.74 19.88 24.57
C ARG A 236 9.94 19.35 25.36
N THR A 237 10.50 18.23 24.91
CA THR A 237 11.70 17.67 25.52
C THR A 237 12.89 17.68 24.57
N SER A 238 12.71 18.20 23.36
CA SER A 238 13.79 18.39 22.38
C SER A 238 14.47 17.06 22.03
N GLU A 239 13.65 16.09 21.61
CA GLU A 239 14.17 14.81 21.15
C GLU A 239 13.33 14.33 19.97
N TYR A 240 13.90 13.38 19.23
CA TYR A 240 13.20 12.77 18.09
C TYR A 240 12.30 11.64 18.58
N ILE A 241 11.20 11.44 17.86
CA ILE A 241 10.22 10.41 18.18
C ILE A 241 9.86 9.65 16.92
N CYS A 242 9.83 8.32 17.02
CA CYS A 242 9.49 7.45 15.90
C CYS A 242 7.99 7.19 15.89
N VAL A 243 7.41 7.14 14.69
CA VAL A 243 6.00 6.83 14.52
C VAL A 243 5.75 5.67 13.56
N TYR A 244 6.74 5.26 12.78
CA TYR A 244 6.59 4.16 11.83
C TYR A 244 7.73 3.17 12.02
N SER A 245 7.38 1.89 12.08
CA SER A 245 8.34 0.80 12.14
C SER A 245 8.31 0.07 10.80
N LYS A 246 9.10 0.56 9.84
CA LYS A 246 9.26 -0.11 8.56
C LYS A 246 10.59 -0.83 8.43
N SER A 247 11.49 -0.66 9.38
CA SER A 247 12.78 -1.34 9.39
C SER A 247 12.94 -2.11 10.70
N ALA A 248 13.49 -3.32 10.59
CA ALA A 248 13.67 -4.16 11.77
C ALA A 248 14.62 -3.51 12.76
N GLY A 249 14.33 -3.69 14.05
CA GLY A 249 15.13 -3.13 15.12
C GLY A 249 14.66 -1.77 15.60
N LEU A 250 13.70 -1.15 14.94
CA LEU A 250 13.15 0.14 15.34
C LEU A 250 11.65 0.00 15.53
N ALA A 251 11.17 0.33 16.73
CA ALA A 251 9.75 0.26 17.05
C ALA A 251 9.17 1.65 17.23
N PRO A 252 7.88 1.85 16.97
CA PRO A 252 7.28 3.18 17.16
C PRO A 252 7.22 3.57 18.63
N GLY A 253 8.03 4.55 19.01
CA GLY A 253 8.09 4.97 20.40
C GLY A 253 9.51 5.16 20.87
N MET A 254 10.48 4.75 20.06
CA MET A 254 11.88 4.97 20.38
C MET A 254 12.20 6.46 20.37
N VAL A 255 13.09 6.87 21.26
CA VAL A 255 13.46 8.27 21.40
C VAL A 255 14.95 8.43 21.10
N LEU A 256 15.27 9.52 20.39
CA LEU A 256 16.64 9.84 20.02
C LEU A 256 17.02 11.13 20.71
N LYS A 257 18.07 11.09 21.52
CA LYS A 257 18.53 12.26 22.27
C LYS A 257 19.14 13.27 21.30
N GLY A 258 18.40 14.34 21.01
CA GLY A 258 18.87 15.35 20.09
C GLY A 258 19.82 16.35 20.73
N PRO D 2 -6.26 -0.69 24.06
CA PRO D 2 -6.75 -1.39 25.27
C PRO D 2 -7.79 -2.46 24.94
N GLN D 3 -7.45 -3.71 25.22
CA GLN D 3 -8.36 -4.82 24.96
C GLN D 3 -9.40 -4.93 26.08
N ALA D 4 -10.44 -5.72 25.81
CA ALA D 4 -11.49 -5.95 26.78
C ALA D 4 -12.09 -7.33 26.55
N PHE D 5 -11.89 -8.23 27.51
CA PHE D 5 -12.43 -9.59 27.45
C PHE D 5 -13.74 -9.64 28.21
N PHE D 6 -14.76 -10.22 27.59
CA PHE D 6 -16.12 -10.21 28.14
C PHE D 6 -16.42 -11.55 28.79
N SER D 7 -16.88 -11.51 30.03
CA SER D 7 -17.40 -12.69 30.73
C SER D 7 -18.85 -12.41 31.08
N HIS D 8 -19.75 -13.31 30.67
CA HIS D 8 -21.17 -13.06 30.79
C HIS D 8 -21.93 -14.38 30.63
N ASN D 9 -23.25 -14.27 30.51
CA ASN D 9 -24.13 -15.38 30.24
C ASN D 9 -25.09 -15.00 29.13
N ASN D 10 -25.61 -16.01 28.41
CA ASN D 10 -26.48 -15.73 27.28
C ASN D 10 -27.78 -15.06 27.67
N LYS D 11 -28.22 -15.19 28.93
CA LYS D 11 -29.42 -14.50 29.37
C LYS D 11 -29.25 -12.98 29.34
N ASP D 12 -28.01 -12.50 29.32
CA ASP D 12 -27.72 -11.06 29.24
C ASP D 12 -27.16 -10.67 27.89
N LYS D 13 -27.25 -11.55 26.90
CA LYS D 13 -26.65 -11.30 25.59
C LYS D 13 -27.16 -10.00 24.97
N LYS D 14 -28.42 -9.67 25.22
CA LYS D 14 -29.01 -8.47 24.63
C LYS D 14 -28.26 -7.21 25.05
N ILE D 15 -27.89 -7.12 26.33
CA ILE D 15 -27.13 -5.97 26.81
C ILE D 15 -25.64 -6.12 26.57
N VAL D 16 -25.11 -7.35 26.54
CA VAL D 16 -23.70 -7.54 26.24
C VAL D 16 -23.39 -7.08 24.83
N LEU D 17 -24.26 -7.40 23.87
CA LEU D 17 -24.04 -6.94 22.50
C LEU D 17 -24.07 -5.42 22.42
N GLU D 18 -24.98 -4.78 23.14
CA GLU D 18 -25.07 -3.32 23.09
C GLU D 18 -23.83 -2.66 23.69
N VAL D 19 -23.38 -3.15 24.84
CA VAL D 19 -22.19 -2.56 25.45
C VAL D 19 -20.95 -2.84 24.60
N LEU D 20 -20.91 -4.02 23.96
CA LEU D 20 -19.81 -4.33 23.05
C LEU D 20 -19.80 -3.37 21.87
N GLU D 21 -20.98 -3.08 21.30
CA GLU D 21 -21.04 -2.14 20.19
C GLU D 21 -20.58 -0.76 20.63
N HIS D 22 -21.02 -0.31 21.81
CA HIS D 22 -20.60 0.99 22.30
C HIS D 22 -19.10 1.05 22.50
N LEU D 23 -18.52 -0.01 23.07
CA LEU D 23 -17.07 -0.05 23.28
C LEU D 23 -16.31 -0.07 21.97
N ARG D 24 -16.78 -0.86 20.99
CA ARG D 24 -16.12 -0.95 19.70
C ARG D 24 -16.18 0.37 18.96
N GLN D 25 -17.26 1.14 19.15
CA GLN D 25 -17.32 2.47 18.55
C GLN D 25 -16.31 3.42 19.17
N SER D 26 -15.68 3.04 20.28
CA SER D 26 -14.72 3.89 20.98
C SER D 26 -13.27 3.42 20.82
N LEU D 27 -12.93 2.85 19.66
CA LEU D 27 -11.55 2.50 19.33
C LEU D 27 -10.95 1.53 20.35
N VAL D 28 -11.77 0.62 20.87
CA VAL D 28 -11.34 -0.36 21.86
C VAL D 28 -11.51 -1.75 21.27
N ALA D 29 -10.45 -2.55 21.32
CA ALA D 29 -10.55 -3.94 20.89
C ALA D 29 -11.50 -4.69 21.81
N THR D 30 -12.48 -5.38 21.22
CA THR D 30 -13.48 -6.11 21.97
C THR D 30 -13.32 -7.60 21.71
N TRP D 31 -13.57 -8.43 22.74
CA TRP D 31 -13.33 -9.90 22.57
C TRP D 31 -14.42 -10.68 23.30
N ILE D 32 -15.22 -11.46 22.57
CA ILE D 32 -16.35 -12.18 23.22
C ILE D 32 -16.15 -13.67 23.07
N ASP D 33 -17.21 -14.40 22.70
CA ASP D 33 -17.13 -15.88 22.57
C ASP D 33 -16.41 -16.24 21.26
N GLN D 34 -15.65 -17.35 21.27
CA GLN D 34 -14.88 -17.78 20.07
C GLN D 34 -14.55 -16.55 19.22
N GLN D 35 -13.77 -15.63 19.77
CA GLN D 35 -13.45 -14.38 19.04
C GLN D 35 -12.08 -14.51 18.36
N SER D 36 -11.01 -14.07 19.03
CA SER D 36 -9.70 -14.09 18.34
C SER D 36 -8.54 -14.49 19.24
N ILE D 37 -7.35 -13.92 19.01
CA ILE D 37 -6.13 -14.36 19.74
C ILE D 37 -6.03 -15.87 19.52
N PRO D 38 -5.45 -16.33 18.40
CA PRO D 38 -5.42 -17.76 18.07
C PRO D 38 -4.77 -18.64 19.15
N GLY D 39 -4.39 -18.03 20.29
CA GLY D 39 -3.72 -18.77 21.37
C GLY D 39 -4.63 -19.78 22.04
N GLY D 40 -4.22 -20.31 23.19
CA GLY D 40 -5.02 -21.31 23.91
C GLY D 40 -6.50 -21.11 23.69
N GLY D 41 -6.96 -19.87 23.74
CA GLY D 41 -8.38 -19.60 23.45
C GLY D 41 -9.17 -19.35 24.71
N SER D 42 -10.42 -19.80 24.72
CA SER D 42 -11.27 -19.52 25.89
C SER D 42 -11.02 -18.08 26.30
N LEU D 43 -10.68 -17.86 27.57
CA LEU D 43 -10.39 -16.52 28.06
C LEU D 43 -9.22 -16.50 29.04
N ILE D 44 -9.11 -17.52 29.88
CA ILE D 44 -8.17 -17.47 31.00
C ILE D 44 -6.72 -17.51 30.49
N GLN D 45 -6.44 -18.36 29.51
CA GLN D 45 -5.12 -18.33 28.89
C GLN D 45 -5.03 -17.24 27.83
N GLN D 46 -6.16 -16.69 27.39
CA GLN D 46 -6.16 -15.52 26.52
C GLN D 46 -5.67 -14.27 27.25
N ILE D 47 -5.65 -14.29 28.58
CA ILE D 47 -5.14 -13.14 29.34
C ILE D 47 -3.67 -12.91 29.04
N ILE D 48 -2.88 -13.97 28.97
CA ILE D 48 -1.43 -13.85 28.85
C ILE D 48 -1.07 -13.67 27.38
N ALA D 49 -1.09 -12.43 26.91
CA ALA D 49 -0.73 -12.09 25.54
C ALA D 49 -0.57 -10.58 25.39
N GLY D 50 0.46 -10.16 24.67
CA GLY D 50 0.67 -8.74 24.44
C GLY D 50 1.55 -8.13 25.53
N ILE D 51 1.21 -6.93 25.96
CA ILE D 51 1.97 -6.19 26.94
C ILE D 51 1.25 -6.24 28.28
N SER D 52 1.93 -5.76 29.32
CA SER D 52 1.37 -5.77 30.67
C SER D 52 -0.01 -5.11 30.71
N LYS D 53 -0.19 -4.06 29.91
CA LYS D 53 -1.51 -3.48 29.68
C LYS D 53 -2.24 -4.43 28.74
N SER D 54 -2.75 -5.52 29.31
CA SER D 54 -3.40 -6.57 28.53
C SER D 54 -4.85 -6.23 28.22
N GLN D 55 -5.68 -6.09 29.25
CA GLN D 55 -7.10 -5.79 29.09
C GLN D 55 -7.66 -5.46 30.46
N TYR D 56 -8.95 -5.12 30.49
CA TYR D 56 -9.71 -4.92 31.71
C TYR D 56 -10.86 -5.92 31.72
N PHE D 57 -10.86 -6.83 32.69
CA PHE D 57 -11.85 -7.90 32.74
C PHE D 57 -13.25 -7.31 32.89
N LEU D 58 -14.20 -7.89 32.16
CA LEU D 58 -15.60 -7.49 32.21
C LEU D 58 -16.40 -8.66 32.78
N ALA D 59 -16.63 -8.63 34.10
CA ALA D 59 -17.41 -9.66 34.78
C ALA D 59 -18.84 -9.15 34.90
N PHE D 60 -19.73 -9.65 34.03
CA PHE D 60 -21.12 -9.22 33.99
C PHE D 60 -21.89 -9.97 35.06
N LEU D 61 -21.75 -9.48 36.29
CA LEU D 61 -22.43 -10.09 37.42
C LEU D 61 -23.94 -9.86 37.29
N SER D 62 -24.71 -10.92 37.54
CA SER D 62 -26.15 -10.86 37.52
C SER D 62 -26.67 -11.92 38.48
N ASN D 63 -27.94 -11.78 38.86
CA ASN D 63 -28.53 -12.74 39.78
C ASN D 63 -28.39 -14.17 39.26
N GLU D 64 -28.58 -14.37 37.96
CA GLU D 64 -28.47 -15.72 37.42
C GLU D 64 -27.02 -16.06 37.03
N TYR D 65 -26.17 -15.03 36.90
CA TYR D 65 -24.75 -15.28 36.65
C TYR D 65 -24.09 -16.04 37.80
N LEU D 66 -24.55 -15.84 39.03
CA LEU D 66 -23.89 -16.49 40.16
C LEU D 66 -24.04 -18.01 40.12
N LYS D 67 -24.99 -18.52 39.34
CA LYS D 67 -25.04 -19.95 39.09
C LYS D 67 -24.01 -20.32 38.02
N SER D 68 -24.10 -21.55 37.51
CA SER D 68 -23.23 -21.97 36.41
C SER D 68 -21.76 -21.85 36.78
N ASP D 69 -21.30 -22.71 37.71
CA ASP D 69 -19.90 -22.69 38.15
C ASP D 69 -18.93 -22.60 36.97
N TRP D 70 -19.38 -23.00 35.78
CA TRP D 70 -18.65 -22.84 34.53
C TRP D 70 -18.11 -21.42 34.35
N CYS D 71 -18.73 -20.44 35.01
CA CYS D 71 -18.27 -19.06 34.99
C CYS D 71 -17.64 -18.64 36.31
N TRP D 72 -18.06 -19.24 37.43
CA TRP D 72 -17.46 -18.88 38.71
C TRP D 72 -15.99 -19.30 38.78
N ASP D 73 -15.67 -20.47 38.23
CA ASP D 73 -14.27 -20.89 38.19
C ASP D 73 -13.45 -19.94 37.33
N GLU D 74 -14.03 -19.48 36.22
CA GLU D 74 -13.40 -18.50 35.35
C GLU D 74 -13.10 -17.22 36.12
N LEU D 75 -14.07 -16.72 36.87
CA LEU D 75 -13.89 -15.51 37.65
C LEU D 75 -12.82 -15.72 38.73
N GLU D 76 -12.83 -16.90 39.35
CA GLU D 76 -11.83 -17.23 40.36
C GLU D 76 -10.42 -17.16 39.79
N GLN D 77 -10.19 -17.83 38.66
CA GLN D 77 -8.87 -17.78 38.04
C GLN D 77 -8.52 -16.38 37.57
N ALA D 78 -9.51 -15.64 37.07
CA ALA D 78 -9.27 -14.27 36.62
C ALA D 78 -8.76 -13.41 37.77
N TYR D 79 -9.41 -13.49 38.93
CA TYR D 79 -8.92 -12.73 40.08
C TYR D 79 -7.58 -13.25 40.57
N ALA D 80 -7.37 -14.57 40.51
CA ALA D 80 -6.10 -15.13 40.95
C ALA D 80 -4.94 -14.57 40.13
N LEU D 81 -5.10 -14.48 38.82
CA LEU D 81 -4.06 -13.88 37.98
C LEU D 81 -4.11 -12.37 37.97
N HIS D 82 -5.21 -11.76 38.44
CA HIS D 82 -5.24 -10.31 38.62
C HIS D 82 -4.42 -9.89 39.83
N GLN D 83 -4.36 -10.74 40.86
CA GLN D 83 -3.55 -10.43 42.04
C GLN D 83 -2.08 -10.23 41.66
N LYS D 84 -1.63 -10.83 40.56
CA LYS D 84 -0.28 -10.59 40.07
C LYS D 84 -0.14 -9.28 39.31
N GLY D 85 -1.25 -8.58 39.05
CA GLY D 85 -1.22 -7.33 38.33
C GLY D 85 -1.22 -7.43 36.82
N LYS D 86 -1.34 -8.65 36.27
CA LYS D 86 -1.41 -8.78 34.82
C LYS D 86 -2.66 -8.13 34.26
N VAL D 87 -3.80 -8.31 34.94
CA VAL D 87 -5.08 -7.75 34.50
C VAL D 87 -5.73 -7.08 35.70
N LYS D 88 -6.60 -6.11 35.42
CA LYS D 88 -7.44 -5.50 36.43
C LYS D 88 -8.90 -5.77 36.10
N ILE D 89 -9.64 -6.22 37.10
CA ILE D 89 -11.04 -6.59 36.93
C ILE D 89 -11.91 -5.37 37.17
N ILE D 90 -12.94 -5.20 36.35
CA ILE D 90 -13.98 -4.21 36.63
C ILE D 90 -15.33 -4.91 36.47
N PRO D 91 -16.14 -4.95 37.53
CA PRO D 91 -17.41 -5.67 37.46
C PRO D 91 -18.56 -4.77 37.06
N ILE D 92 -19.49 -5.36 36.30
CA ILE D 92 -20.71 -4.69 35.87
C ILE D 92 -21.88 -5.40 36.52
N LEU D 93 -22.63 -4.68 37.34
CA LEU D 93 -23.79 -5.22 38.04
C LEU D 93 -25.01 -5.03 37.16
N LEU D 94 -25.52 -6.13 36.61
CA LEU D 94 -26.70 -6.05 35.74
C LEU D 94 -27.90 -5.52 36.51
N THR D 95 -28.11 -6.00 37.73
CA THR D 95 -29.13 -5.48 38.62
C THR D 95 -28.46 -4.77 39.80
N ASN D 96 -29.26 -4.02 40.55
CA ASN D 96 -28.74 -3.25 41.66
C ASN D 96 -28.21 -4.17 42.75
N ARG D 97 -27.22 -3.66 43.50
CA ARG D 97 -26.49 -4.48 44.47
C ARG D 97 -27.41 -5.07 45.53
N ALA D 98 -28.49 -4.37 45.90
CA ALA D 98 -29.31 -4.82 47.02
C ALA D 98 -29.94 -6.18 46.75
N GLN D 99 -30.41 -6.41 45.52
CA GLN D 99 -31.17 -7.61 45.19
C GLN D 99 -30.32 -8.68 44.51
N LEU D 100 -29.05 -8.79 44.85
CA LEU D 100 -28.27 -9.96 44.44
C LEU D 100 -28.58 -11.12 45.37
N ASP D 101 -28.85 -12.29 44.81
CA ASP D 101 -29.20 -13.48 45.59
C ASP D 101 -27.91 -14.03 46.18
N LEU D 102 -27.46 -13.40 47.26
CA LEU D 102 -26.24 -13.82 47.93
C LEU D 102 -26.44 -15.10 48.74
N ASN D 103 -27.66 -15.35 49.22
CA ASN D 103 -27.90 -16.53 50.05
C ASN D 103 -27.68 -17.82 49.29
N ALA D 104 -27.90 -17.82 47.97
CA ALA D 104 -27.75 -19.04 47.19
C ALA D 104 -26.31 -19.53 47.18
N LEU D 105 -25.34 -18.62 47.27
CA LEU D 105 -23.94 -19.00 47.25
C LEU D 105 -23.55 -19.68 48.56
N THR D 106 -22.48 -20.46 48.50
CA THR D 106 -21.91 -21.03 49.71
C THR D 106 -21.16 -19.96 50.49
N ASP D 107 -20.65 -20.35 51.66
CA ASP D 107 -19.95 -19.39 52.51
C ASP D 107 -18.69 -18.87 51.84
N ALA D 108 -17.91 -19.77 51.24
CA ALA D 108 -16.67 -19.34 50.57
C ALA D 108 -16.96 -18.45 49.37
N ARG D 109 -17.96 -18.82 48.56
CA ARG D 109 -18.32 -18.01 47.40
C ARG D 109 -18.83 -16.63 47.84
N ARG D 110 -19.65 -16.60 48.89
CA ARG D 110 -20.16 -15.32 49.40
C ARG D 110 -19.03 -14.45 49.92
N ASN D 111 -18.08 -15.05 50.65
CA ASN D 111 -16.94 -14.27 51.14
C ASN D 111 -16.11 -13.73 50.00
N PHE D 112 -15.85 -14.56 48.97
CA PHE D 112 -15.09 -14.09 47.83
C PHE D 112 -15.79 -12.94 47.12
N LEU D 113 -17.11 -13.07 46.89
CA LEU D 113 -17.84 -12.00 46.22
C LEU D 113 -17.86 -10.73 47.05
N GLU D 114 -18.03 -10.85 48.36
CA GLU D 114 -18.03 -9.65 49.20
C GLU D 114 -16.67 -8.97 49.19
N SER D 115 -15.59 -9.75 49.24
CA SER D 115 -14.26 -9.17 49.16
C SER D 115 -14.05 -8.47 47.82
N ILE D 116 -14.51 -9.10 46.73
CA ILE D 116 -14.39 -8.50 45.42
C ILE D 116 -15.15 -7.19 45.30
N LEU D 117 -16.40 -7.17 45.79
CA LEU D 117 -17.24 -5.97 45.66
C LEU D 117 -16.87 -4.89 46.67
N THR D 118 -16.13 -5.21 47.72
CA THR D 118 -15.70 -4.19 48.66
C THR D 118 -14.33 -3.62 48.32
N ARG D 119 -13.32 -4.49 48.14
CA ARG D 119 -11.98 -4.01 47.84
C ARG D 119 -11.92 -3.32 46.47
N LEU D 120 -12.64 -3.85 45.49
CA LEU D 120 -12.57 -3.40 44.11
C LEU D 120 -13.82 -2.61 43.77
N LYS D 121 -13.63 -1.46 43.11
CA LYS D 121 -14.76 -0.64 42.69
C LYS D 121 -15.57 -1.35 41.61
N TYR D 122 -16.85 -1.02 41.54
CA TYR D 122 -17.78 -1.63 40.60
C TYR D 122 -18.62 -0.55 39.92
N VAL D 123 -19.32 -0.95 38.86
CA VAL D 123 -20.16 -0.04 38.08
C VAL D 123 -21.57 -0.61 38.04
N GLU D 124 -22.54 0.22 38.42
CA GLU D 124 -23.95 -0.17 38.33
C GLU D 124 -24.47 0.07 36.92
N PHE D 125 -25.30 -0.85 36.45
CA PHE D 125 -25.89 -0.76 35.12
C PHE D 125 -27.40 -0.97 35.24
N ASP D 126 -28.17 -0.18 34.48
CA ASP D 126 -29.61 -0.32 34.47
C ASP D 126 -30.12 -0.20 33.04
N PRO D 127 -30.93 -1.16 32.58
CA PRO D 127 -31.53 -1.05 31.27
C PRO D 127 -32.25 0.26 31.00
N HIS D 128 -32.88 0.85 32.03
CA HIS D 128 -33.73 2.01 31.80
C HIS D 128 -32.92 3.19 31.26
N ASN D 129 -31.86 3.59 31.99
CA ASN D 129 -31.05 4.74 31.62
C ASN D 129 -29.82 4.27 30.83
N MET D 130 -30.05 4.04 29.54
CA MET D 130 -29.02 3.45 28.68
C MET D 130 -27.79 4.36 28.56
N THR D 131 -28.01 5.63 28.20
CA THR D 131 -26.88 6.49 27.87
C THR D 131 -26.00 6.78 29.08
N ARG D 132 -26.61 6.99 30.26
CA ARG D 132 -25.80 7.29 31.44
C ARG D 132 -25.02 6.06 31.90
N SER D 133 -25.65 4.89 31.87
CA SER D 133 -24.95 3.66 32.23
C SER D 133 -23.81 3.37 31.25
N LEU D 134 -24.04 3.59 29.96
CA LEU D 134 -22.99 3.40 28.97
C LEU D 134 -21.83 4.36 29.19
N GLY D 135 -22.15 5.64 29.44
CA GLY D 135 -21.09 6.59 29.75
C GLY D 135 -20.33 6.22 31.01
N SER D 136 -21.04 5.73 32.02
CA SER D 136 -20.39 5.34 33.27
C SER D 136 -19.43 4.17 33.05
N VAL D 137 -19.87 3.13 32.33
CA VAL D 137 -19.00 1.98 32.13
C VAL D 137 -17.82 2.34 31.23
N ALA D 138 -18.05 3.18 30.22
CA ALA D 138 -16.94 3.62 29.37
C ALA D 138 -15.93 4.44 30.16
N GLU D 139 -16.41 5.36 31.01
CA GLU D 139 -15.51 6.18 31.80
C GLU D 139 -14.75 5.34 32.81
N ALA D 140 -15.41 4.35 33.40
CA ALA D 140 -14.71 3.45 34.32
C ALA D 140 -13.65 2.63 33.59
N LEU D 141 -13.94 2.21 32.36
CA LEU D 141 -12.93 1.51 31.57
C LEU D 141 -11.74 2.41 31.28
N TRP D 142 -12.00 3.66 30.90
CA TRP D 142 -10.96 4.60 30.54
C TRP D 142 -10.28 5.26 31.73
N GLN D 143 -10.75 5.01 32.95
CA GLN D 143 -10.26 5.74 34.12
C GLN D 143 -8.78 5.49 34.36
N ASN D 144 -8.34 4.23 34.28
CA ASN D 144 -6.97 3.86 34.58
C ASN D 144 -6.12 3.69 33.32
N GLU D 145 -6.31 4.53 32.32
CA GLU D 145 -5.66 4.38 31.03
C GLU D 145 -5.15 5.73 30.56
N ALA D 146 -4.34 5.69 29.50
CA ALA D 146 -3.83 6.88 28.83
C ALA D 146 -4.94 7.48 27.95
N VAL D 147 -4.56 8.33 27.00
CA VAL D 147 -5.49 9.16 26.23
C VAL D 147 -6.74 8.38 25.82
N ARG D 148 -7.90 8.96 26.09
CA ARG D 148 -9.18 8.29 25.92
C ARG D 148 -9.56 8.27 24.45
N PHE D 149 -10.76 7.76 24.16
CA PHE D 149 -11.26 7.73 22.78
C PHE D 149 -12.78 7.74 22.85
N GLU D 150 -13.39 8.90 22.63
CA GLU D 150 -14.83 9.02 22.62
C GLU D 150 -15.40 8.33 21.37
N PRO D 151 -16.66 7.92 21.42
CA PRO D 151 -17.25 7.20 20.28
C PRO D 151 -17.21 8.04 19.00
N ILE D 152 -17.00 7.35 17.88
CA ILE D 152 -16.99 8.00 16.58
C ILE D 152 -18.37 8.56 16.29
N ARG D 153 -18.43 9.80 15.82
CA ARG D 153 -19.69 10.49 15.57
C ARG D 153 -19.82 10.80 14.08
N MET D 154 -20.96 10.43 13.51
CA MET D 154 -21.23 10.61 12.09
C MET D 154 -21.88 11.97 11.89
N ILE D 155 -21.09 12.96 11.46
CA ILE D 155 -21.52 14.35 11.40
C ILE D 155 -21.37 14.86 9.98
N LYS D 156 -22.25 15.77 9.57
CA LYS D 156 -22.23 16.38 8.25
C LYS D 156 -21.83 17.83 8.38
N VAL D 157 -20.75 18.21 7.70
CA VAL D 157 -20.21 19.57 7.79
C VAL D 157 -20.14 20.15 6.38
N ASN D 158 -20.78 21.31 6.19
CA ASN D 158 -20.65 22.11 4.96
C ASN D 158 -20.91 21.28 3.70
N GLY D 159 -21.88 20.37 3.79
CA GLY D 159 -22.31 19.62 2.63
C GLY D 159 -21.50 18.38 2.32
N THR D 160 -20.41 18.12 3.03
CA THR D 160 -19.62 16.91 2.83
C THR D 160 -19.67 16.07 4.09
N GLU D 161 -19.77 14.75 3.91
CA GLU D 161 -19.92 13.82 5.02
C GLU D 161 -18.55 13.48 5.58
N LEU D 162 -18.47 13.37 6.91
CA LEU D 162 -17.20 13.14 7.60
C LEU D 162 -17.48 12.46 8.94
N GLN D 163 -16.58 11.57 9.35
CA GLN D 163 -16.61 10.99 10.69
C GLN D 163 -15.39 11.44 11.46
N VAL D 164 -15.58 11.80 12.72
CA VAL D 164 -14.51 12.33 13.56
C VAL D 164 -14.17 11.31 14.63
N VAL D 165 -12.88 11.25 14.98
CA VAL D 165 -12.39 10.42 16.07
C VAL D 165 -11.92 11.37 17.17
N GLU D 166 -12.54 11.28 18.33
CA GLU D 166 -12.26 12.18 19.44
C GLU D 166 -11.43 11.46 20.48
N PHE D 167 -10.30 12.06 20.86
CA PHE D 167 -9.46 11.56 21.93
C PHE D 167 -9.09 12.71 22.85
N LYS D 168 -9.17 12.45 24.15
CA LYS D 168 -8.85 13.45 25.17
C LYS D 168 -7.73 12.92 26.05
N ILE D 169 -6.76 13.77 26.34
CA ILE D 169 -5.60 13.37 27.13
C ILE D 169 -5.91 13.62 28.60
N PRO D 170 -5.77 12.61 29.47
CA PRO D 170 -5.87 12.87 30.92
C PRO D 170 -4.63 13.62 31.38
N GLY D 171 -4.83 14.67 32.17
CA GLY D 171 -3.75 15.60 32.42
C GLY D 171 -3.45 16.41 31.17
N SER D 172 -2.18 16.80 31.02
CA SER D 172 -1.78 17.55 29.85
C SER D 172 -0.44 17.10 29.27
N ASN D 173 0.13 15.99 29.75
CA ASN D 173 1.42 15.54 29.25
C ASN D 173 1.49 14.02 29.35
N LEU D 174 2.34 13.44 28.51
CA LEU D 174 2.60 12.01 28.49
C LEU D 174 4.11 11.76 28.45
N PRO D 175 4.56 10.60 28.91
CA PRO D 175 5.96 10.23 28.74
C PRO D 175 6.33 10.21 27.27
N VAL D 176 7.57 10.62 26.98
CA VAL D 176 8.02 10.70 25.59
C VAL D 176 8.08 9.33 24.92
N ASP D 177 8.12 8.25 25.70
CA ASP D 177 8.12 6.90 25.18
C ASP D 177 6.76 6.21 25.32
N PHE D 178 5.67 6.99 25.34
CA PHE D 178 4.35 6.40 25.46
C PHE D 178 4.02 5.51 24.27
N LEU D 179 4.39 5.93 23.06
CA LEU D 179 4.06 5.17 21.86
C LEU D 179 4.65 3.78 21.86
N HIS D 180 5.71 3.54 22.64
CA HIS D 180 6.35 2.22 22.67
C HIS D 180 5.41 1.18 23.29
N HIS D 181 4.75 1.52 24.39
CA HIS D 181 3.96 0.57 25.16
C HIS D 181 2.49 0.55 24.78
N TRP D 182 2.05 1.38 23.84
CA TRP D 182 0.64 1.44 23.50
C TRP D 182 0.21 0.15 22.80
N ASP D 183 -0.95 -0.37 23.18
CA ASP D 183 -1.50 -1.59 22.60
C ASP D 183 -2.59 -1.33 21.58
N LEU D 184 -2.63 -0.12 21.02
CA LEU D 184 -3.63 0.23 20.02
C LEU D 184 -2.94 0.40 18.68
N LYS D 185 -3.31 -0.44 17.72
CA LYS D 185 -2.88 -0.30 16.33
C LYS D 185 -4.12 -0.03 15.51
N ILE D 186 -4.23 1.20 15.00
CA ILE D 186 -5.48 1.68 14.44
C ILE D 186 -5.84 1.01 13.12
N GLU D 187 -4.86 0.46 12.40
CA GLU D 187 -5.12 -0.02 11.04
C GLU D 187 -6.09 -1.19 11.02
N ASP D 188 -6.29 -1.86 12.16
CA ASP D 188 -7.21 -2.99 12.18
C ASP D 188 -8.66 -2.60 12.42
N PHE D 189 -8.95 -1.31 12.60
CA PHE D 189 -10.30 -0.85 12.92
C PHE D 189 -10.96 -0.09 11.78
N ILE D 190 -10.62 -0.40 10.53
CA ILE D 190 -11.27 0.17 9.36
C ILE D 190 -11.91 -0.97 8.57
N ALA D 191 -13.20 -0.84 8.28
CA ALA D 191 -13.91 -1.86 7.53
C ALA D 191 -13.40 -1.93 6.10
N THR D 192 -13.43 -3.13 5.53
CA THR D 192 -13.04 -3.33 4.13
C THR D 192 -14.24 -3.27 3.19
N SER D 193 -15.45 -3.45 3.69
CA SER D 193 -16.66 -3.40 2.87
C SER D 193 -17.67 -2.49 3.53
N PRO D 194 -18.55 -1.86 2.74
CA PRO D 194 -19.57 -0.98 3.34
C PRO D 194 -20.48 -1.69 4.31
N ASN D 195 -20.83 -2.95 4.05
CA ASN D 195 -21.74 -3.67 4.93
C ASN D 195 -21.03 -4.20 6.17
N GLU D 196 -19.72 -4.41 6.12
CA GLU D 196 -18.98 -4.90 7.26
C GLU D 196 -19.00 -3.87 8.39
N GLN D 197 -19.29 -4.34 9.60
CA GLN D 197 -19.36 -3.45 10.76
C GLN D 197 -17.99 -3.34 11.42
N LYS D 198 -17.58 -2.11 11.67
CA LYS D 198 -16.25 -1.81 12.22
C LYS D 198 -16.32 -0.43 12.88
N PRO D 199 -15.33 -0.10 13.70
CA PRO D 199 -15.32 1.26 14.29
C PRO D 199 -15.32 2.37 13.26
N VAL D 200 -14.64 2.18 12.13
CA VAL D 200 -14.51 3.20 11.10
C VAL D 200 -15.22 2.73 9.84
N LYS D 201 -16.13 3.56 9.32
CA LYS D 201 -16.81 3.25 8.08
C LYS D 201 -15.82 3.20 6.92
N PHE D 202 -16.07 2.31 5.97
CA PHE D 202 -15.16 2.14 4.85
C PHE D 202 -15.26 3.32 3.89
N ASP D 203 -14.10 3.87 3.50
CA ASP D 203 -13.91 4.93 2.53
C ASP D 203 -14.53 6.26 2.98
N VAL D 204 -15.15 6.32 4.14
CA VAL D 204 -15.68 7.59 4.65
C VAL D 204 -14.54 8.41 5.25
N PRO D 205 -14.41 9.68 4.91
CA PRO D 205 -13.29 10.47 5.43
C PRO D 205 -13.30 10.54 6.95
N VAL D 206 -12.12 10.50 7.54
CA VAL D 206 -11.94 10.49 8.98
C VAL D 206 -11.12 11.71 9.39
N ALA D 207 -11.53 12.37 10.47
CA ALA D 207 -10.86 13.55 10.97
C ALA D 207 -10.38 13.35 12.40
N LEU D 208 -9.17 13.79 12.66
CA LEU D 208 -8.59 13.76 14.01
C LEU D 208 -8.86 15.09 14.69
N TYR D 209 -9.49 15.04 15.86
CA TYR D 209 -9.85 16.23 16.61
C TYR D 209 -9.51 16.01 18.07
N GLY D 210 -8.95 17.04 18.71
CA GLY D 210 -8.56 16.96 20.09
C GLY D 210 -7.13 17.41 20.30
N PRO D 211 -6.90 18.22 21.32
CA PRO D 211 -5.54 18.73 21.57
C PRO D 211 -4.59 17.63 21.99
N GLY D 212 -3.38 17.69 21.45
CA GLY D 212 -2.38 16.69 21.74
C GLY D 212 -1.06 16.97 21.04
N PRO D 213 -0.05 16.15 21.36
CA PRO D 213 1.26 16.34 20.72
C PRO D 213 1.23 16.01 19.25
N ASN D 214 2.16 16.61 18.51
CA ASN D 214 2.20 16.43 17.06
C ASN D 214 2.53 15.00 16.68
N TRP D 215 3.40 14.33 17.45
CA TRP D 215 3.79 12.98 17.08
C TRP D 215 2.64 12.00 17.19
N LEU D 216 1.76 12.18 18.19
CA LEU D 216 0.55 11.36 18.25
C LEU D 216 -0.32 11.56 17.04
N TYR D 217 -0.48 12.82 16.60
CA TYR D 217 -1.26 13.10 15.40
C TYR D 217 -0.66 12.43 14.18
N ALA D 218 0.65 12.49 14.03
CA ALA D 218 1.30 11.84 12.90
C ALA D 218 1.13 10.33 12.95
N PHE D 219 1.31 9.74 14.14
CA PHE D 219 1.16 8.30 14.28
C PHE D 219 -0.27 7.85 14.01
N LEU D 220 -1.24 8.73 14.27
CA LEU D 220 -2.62 8.35 14.01
C LEU D 220 -3.03 8.56 12.56
N THR D 221 -2.47 9.56 11.89
CA THR D 221 -2.84 9.79 10.50
C THR D 221 -2.03 8.92 9.54
N LEU D 222 -0.92 8.36 10.01
CA LEU D 222 -0.05 7.59 9.11
C LEU D 222 -0.68 6.29 8.60
N PRO D 223 -1.24 5.41 9.44
CA PRO D 223 -1.75 4.14 8.91
C PRO D 223 -2.99 4.26 8.05
N PHE D 224 -3.52 5.48 7.84
CA PHE D 224 -4.72 5.68 7.04
C PHE D 224 -4.43 5.83 5.56
N LYS D 225 -3.17 5.76 5.14
CA LYS D 225 -2.83 5.99 3.75
C LYS D 225 -3.48 4.94 2.86
N ASN D 226 -4.07 5.40 1.75
CA ASN D 226 -4.80 4.55 0.80
C ASN D 226 -5.94 3.79 1.45
N ARG D 227 -6.45 4.25 2.59
CA ARG D 227 -7.63 3.66 3.22
C ARG D 227 -8.78 4.65 3.29
N ASN D 228 -8.55 5.83 3.85
CA ASN D 228 -9.57 6.86 3.95
C ASN D 228 -8.91 8.23 3.84
N THR D 229 -9.60 9.16 3.19
CA THR D 229 -9.16 10.54 3.20
C THR D 229 -9.15 11.07 4.64
N VAL D 230 -8.06 11.72 5.01
CA VAL D 230 -7.83 12.13 6.39
C VAL D 230 -7.98 13.64 6.49
N PHE D 231 -8.84 14.08 7.41
CA PHE D 231 -8.95 15.48 7.79
C PHE D 231 -8.29 15.66 9.15
N VAL D 232 -7.87 16.89 9.44
CA VAL D 232 -7.25 17.22 10.72
C VAL D 232 -7.82 18.53 11.21
N PHE D 233 -8.09 18.61 12.52
CA PHE D 233 -8.65 19.80 13.13
C PHE D 233 -7.52 20.67 13.67
N ASN D 234 -7.47 21.92 13.23
CA ASN D 234 -6.50 22.90 13.69
C ASN D 234 -7.21 23.95 14.51
N SER D 235 -6.72 24.19 15.72
CA SER D 235 -7.40 25.07 16.66
C SER D 235 -7.05 26.53 16.50
N ARG D 236 -6.10 26.87 15.63
CA ARG D 236 -5.74 28.27 15.44
C ARG D 236 -6.93 29.07 14.90
N THR D 237 -7.62 28.52 13.89
CA THR D 237 -8.84 29.11 13.37
C THR D 237 -10.05 28.20 13.49
N SER D 238 -9.87 26.97 13.99
CA SER D 238 -10.96 26.09 14.41
C SER D 238 -11.82 25.63 13.22
N GLU D 239 -11.16 25.08 12.21
CA GLU D 239 -11.84 24.32 11.17
C GLU D 239 -10.97 23.12 10.78
N TYR D 240 -11.62 22.10 10.23
CA TYR D 240 -10.91 20.90 9.81
C TYR D 240 -10.03 21.19 8.60
N ILE D 241 -8.90 20.48 8.54
CA ILE D 241 -7.93 20.63 7.46
C ILE D 241 -7.69 19.25 6.86
N CYS D 242 -7.74 19.18 5.54
CA CYS D 242 -7.64 17.92 4.81
C CYS D 242 -6.24 17.71 4.27
N VAL D 243 -5.74 16.47 4.36
CA VAL D 243 -4.39 16.14 3.91
C VAL D 243 -4.34 14.94 2.99
N TYR D 244 -5.49 14.45 2.51
CA TYR D 244 -5.54 13.37 1.54
C TYR D 244 -6.60 13.64 0.48
N SER D 245 -6.36 13.11 -0.72
CA SER D 245 -7.32 13.10 -1.81
C SER D 245 -7.46 11.64 -2.23
N LYS D 246 -8.33 10.90 -1.54
CA LYS D 246 -8.62 9.52 -1.89
C LYS D 246 -10.02 9.34 -2.44
N SER D 247 -10.88 10.34 -2.32
CA SER D 247 -12.24 10.29 -2.86
C SER D 247 -12.40 11.38 -3.91
N ALA D 248 -13.24 11.13 -4.90
CA ALA D 248 -13.45 12.10 -5.96
C ALA D 248 -14.08 13.37 -5.42
N GLY D 249 -13.59 14.51 -5.88
CA GLY D 249 -14.09 15.79 -5.45
C GLY D 249 -13.47 16.34 -4.18
N LEU D 250 -12.60 15.58 -3.52
CA LEU D 250 -11.94 16.02 -2.30
C LEU D 250 -10.46 16.23 -2.60
N ALA D 251 -10.00 17.48 -2.48
CA ALA D 251 -8.61 17.84 -2.70
C ALA D 251 -7.93 18.20 -1.39
N PRO D 252 -6.62 17.98 -1.28
CA PRO D 252 -5.93 18.27 -0.02
C PRO D 252 -5.74 19.76 0.22
N GLY D 253 -6.48 20.34 1.17
CA GLY D 253 -6.25 21.72 1.54
C GLY D 253 -7.45 22.56 1.89
N MET D 254 -8.65 22.13 1.49
CA MET D 254 -9.82 22.97 1.76
C MET D 254 -10.19 22.93 3.24
N VAL D 255 -11.13 23.79 3.61
CA VAL D 255 -11.53 23.97 4.99
C VAL D 255 -12.99 23.58 5.16
N LEU D 256 -13.32 23.08 6.36
CA LEU D 256 -14.69 22.77 6.74
C LEU D 256 -15.02 23.56 8.00
N LYS D 257 -15.79 24.64 7.84
CA LYS D 257 -16.09 25.54 8.95
C LYS D 257 -17.03 24.84 9.92
N GLY D 258 -16.48 24.35 11.03
CA GLY D 258 -17.27 23.67 12.04
C GLY D 258 -17.24 24.37 13.38
N PRO E 2 5.01 0.15 -26.21
CA PRO E 2 5.32 1.20 -27.19
C PRO E 2 6.24 0.69 -28.29
N GLN E 3 5.73 0.62 -29.51
CA GLN E 3 6.56 0.20 -30.63
C GLN E 3 7.53 1.30 -31.02
N ALA E 4 8.57 0.91 -31.77
CA ALA E 4 9.58 1.85 -32.24
C ALA E 4 10.03 1.45 -33.64
N PHE E 5 9.94 2.40 -34.58
CA PHE E 5 10.31 2.16 -35.96
C PHE E 5 11.56 2.98 -36.30
N PHE E 6 12.60 2.30 -36.77
CA PHE E 6 13.86 2.94 -37.11
C PHE E 6 13.98 3.03 -38.62
N SER E 7 14.15 4.25 -39.13
CA SER E 7 14.50 4.49 -40.52
C SER E 7 15.89 5.11 -40.55
N HIS E 8 16.78 4.51 -41.31
CA HIS E 8 18.19 4.91 -41.29
C HIS E 8 18.83 4.48 -42.62
N ASN E 9 20.15 4.54 -42.66
CA ASN E 9 20.93 4.08 -43.81
C ASN E 9 21.81 2.91 -43.38
N ASN E 10 22.40 2.25 -44.38
CA ASN E 10 23.24 1.09 -44.12
C ASN E 10 24.61 1.46 -43.55
N LYS E 11 25.03 2.72 -43.70
CA LYS E 11 26.35 3.12 -43.22
C LYS E 11 26.44 3.09 -41.70
N ASP E 12 25.44 3.66 -41.02
CA ASP E 12 25.40 3.66 -39.56
C ASP E 12 24.65 2.46 -39.00
N LYS E 13 24.58 1.36 -39.76
CA LYS E 13 23.89 0.17 -39.28
C LYS E 13 24.56 -0.41 -38.04
N LYS E 14 25.87 -0.23 -37.90
CA LYS E 14 26.57 -0.77 -36.74
C LYS E 14 26.04 -0.15 -35.45
N ILE E 15 25.83 1.16 -35.43
CA ILE E 15 25.30 1.79 -34.22
C ILE E 15 23.78 1.65 -34.18
N VAL E 16 23.13 1.52 -35.33
CA VAL E 16 21.68 1.29 -35.34
C VAL E 16 21.35 -0.02 -34.64
N LEU E 17 22.10 -1.08 -34.93
CA LEU E 17 21.84 -2.37 -34.30
C LEU E 17 22.11 -2.31 -32.80
N GLU E 18 23.15 -1.58 -32.39
CA GLU E 18 23.45 -1.44 -30.97
C GLU E 18 22.33 -0.71 -30.24
N VAL E 19 21.86 0.41 -30.79
CA VAL E 19 20.75 1.12 -30.15
C VAL E 19 19.48 0.27 -30.17
N LEU E 20 19.31 -0.54 -31.22
CA LEU E 20 18.18 -1.47 -31.27
C LEU E 20 18.24 -2.48 -30.14
N GLU E 21 19.41 -3.07 -29.91
CA GLU E 21 19.54 -4.05 -28.84
C GLU E 21 19.31 -3.40 -27.48
N HIS E 22 19.88 -2.21 -27.27
CA HIS E 22 19.70 -1.52 -25.99
C HIS E 22 18.23 -1.16 -25.76
N LEU E 23 17.55 -0.73 -26.82
CA LEU E 23 16.14 -0.39 -26.70
C LEU E 23 15.29 -1.63 -26.43
N ARG E 24 15.61 -2.74 -27.11
CA ARG E 24 14.88 -3.98 -26.88
C ARG E 24 15.07 -4.48 -25.46
N GLN E 25 16.25 -4.23 -24.88
CA GLN E 25 16.47 -4.60 -23.49
C GLN E 25 15.60 -3.81 -22.52
N SER E 26 14.98 -2.73 -22.97
CA SER E 26 14.09 -1.93 -22.13
C SER E 26 12.62 -2.23 -22.39
N LEU E 27 12.30 -3.43 -22.86
CA LEU E 27 10.93 -3.86 -23.11
C LEU E 27 10.22 -2.93 -24.10
N VAL E 28 10.92 -2.51 -25.13
CA VAL E 28 10.38 -1.64 -26.18
C VAL E 28 10.30 -2.45 -27.47
N ALA E 29 9.10 -2.52 -28.05
CA ALA E 29 8.93 -3.20 -29.33
C ALA E 29 9.65 -2.43 -30.42
N THR E 30 10.50 -3.12 -31.18
CA THR E 30 11.32 -2.50 -32.21
C THR E 30 11.14 -3.26 -33.53
N TRP E 31 10.76 -2.53 -34.57
CA TRP E 31 10.63 -3.07 -35.91
C TRP E 31 11.51 -2.28 -36.86
N ILE E 32 12.23 -2.98 -37.73
CA ILE E 32 13.04 -2.31 -38.75
C ILE E 32 12.62 -2.80 -40.13
N ASP E 33 12.74 -4.10 -40.38
CA ASP E 33 12.40 -4.68 -41.67
C ASP E 33 11.41 -5.84 -41.51
N SER E 42 8.25 -1.77 -45.56
CA SER E 42 8.41 -0.33 -45.44
C SER E 42 8.20 0.15 -44.01
N LEU E 43 8.02 1.47 -43.85
CA LEU E 43 7.80 2.07 -42.54
C LEU E 43 6.64 3.06 -42.51
N ILE E 44 6.04 3.38 -43.65
CA ILE E 44 5.02 4.43 -43.69
C ILE E 44 3.63 3.87 -43.38
N GLN E 45 3.33 2.67 -43.87
CA GLN E 45 1.94 2.24 -43.87
C GLN E 45 1.58 1.29 -42.74
N GLN E 46 2.55 0.65 -42.08
CA GLN E 46 2.24 0.02 -40.80
C GLN E 46 2.03 1.04 -39.69
N ILE E 47 2.25 2.32 -39.96
CA ILE E 47 1.96 3.37 -38.97
C ILE E 47 0.48 3.32 -38.57
N ILE E 48 -0.41 3.05 -39.53
CA ILE E 48 -1.83 2.88 -39.25
C ILE E 48 -2.04 1.45 -38.74
N ALA E 49 -1.92 1.27 -37.42
CA ALA E 49 -2.08 -0.04 -36.79
C ALA E 49 -2.13 0.09 -35.28
N GLY E 50 -2.91 -0.77 -34.63
CA GLY E 50 -2.97 -0.74 -33.18
C GLY E 50 -3.92 0.33 -32.69
N ILE E 51 -3.46 1.11 -31.71
CA ILE E 51 -4.27 2.13 -31.08
C ILE E 51 -3.67 3.50 -31.40
N SER E 52 -4.33 4.56 -30.91
CA SER E 52 -3.86 5.92 -31.13
C SER E 52 -2.41 6.08 -30.71
N LYS E 53 -2.02 5.46 -29.61
CA LYS E 53 -0.61 5.35 -29.22
C LYS E 53 0.01 4.25 -30.09
N SER E 54 0.44 4.64 -31.28
CA SER E 54 1.05 3.69 -32.19
C SER E 54 2.53 3.48 -31.88
N GLN E 55 3.32 4.54 -32.00
CA GLN E 55 4.77 4.47 -31.81
C GLN E 55 5.32 5.89 -31.91
N TYR E 56 6.62 6.02 -31.65
CA TYR E 56 7.37 7.24 -31.91
C TYR E 56 8.45 6.93 -32.94
N PHE E 57 8.44 7.70 -34.03
CA PHE E 57 9.38 7.48 -35.13
C PHE E 57 10.79 7.85 -34.70
N LEU E 58 11.73 6.92 -34.87
CA LEU E 58 13.14 7.16 -34.60
C LEU E 58 13.86 7.31 -35.94
N ALA E 59 13.84 8.53 -36.48
CA ALA E 59 14.51 8.83 -37.73
C ALA E 59 15.97 9.19 -37.43
N PHE E 60 16.90 8.46 -38.05
CA PHE E 60 18.33 8.64 -37.80
C PHE E 60 18.85 9.74 -38.71
N LEU E 61 19.19 10.88 -38.12
CA LEU E 61 19.72 12.01 -38.87
C LEU E 61 21.24 11.91 -38.91
N SER E 62 21.80 11.81 -40.12
CA SER E 62 23.24 11.73 -40.30
C SER E 62 23.61 12.48 -41.58
N ASN E 63 24.89 12.84 -41.66
CA ASN E 63 25.37 13.57 -42.83
C ASN E 63 25.23 12.73 -44.10
N GLU E 64 25.56 11.45 -44.03
CA GLU E 64 25.35 10.58 -45.19
C GLU E 64 23.86 10.37 -45.45
N TYR E 65 23.04 10.37 -44.40
CA TYR E 65 21.62 10.11 -44.55
C TYR E 65 20.92 11.19 -45.38
N LEU E 66 21.29 12.47 -45.17
CA LEU E 66 20.53 13.55 -45.78
C LEU E 66 20.72 13.64 -47.29
N LYS E 67 21.69 12.92 -47.84
CA LYS E 67 21.92 12.92 -49.29
C LYS E 67 21.06 11.89 -50.02
N SER E 68 20.21 11.17 -49.31
CA SER E 68 19.40 10.10 -49.90
C SER E 68 17.94 10.54 -49.92
N ASP E 69 17.48 10.96 -51.10
CA ASP E 69 16.09 11.42 -51.23
C ASP E 69 15.09 10.29 -51.10
N TRP E 70 15.46 9.08 -51.56
CA TRP E 70 14.58 7.93 -51.40
C TRP E 70 14.49 7.48 -49.94
N CYS E 71 15.29 8.08 -49.06
CA CYS E 71 15.03 8.00 -47.63
C CYS E 71 14.49 9.30 -47.05
N TRP E 72 14.49 10.39 -47.82
CA TRP E 72 13.81 11.62 -47.40
C TRP E 72 12.30 11.52 -47.54
N ASP E 73 11.84 10.81 -48.58
CA ASP E 73 10.39 10.77 -48.85
C ASP E 73 9.63 10.13 -47.69
N GLU E 74 10.15 9.05 -47.12
CA GLU E 74 9.44 8.38 -46.03
C GLU E 74 9.33 9.30 -44.82
N LEU E 75 10.38 10.06 -44.53
CA LEU E 75 10.32 11.05 -43.45
C LEU E 75 9.29 12.13 -43.76
N GLU E 76 9.21 12.54 -45.03
CA GLU E 76 8.24 13.56 -45.41
C GLU E 76 6.81 13.09 -45.15
N GLN E 77 6.48 11.88 -45.62
CA GLN E 77 5.13 11.37 -45.37
C GLN E 77 4.90 11.10 -43.88
N ALA E 78 5.94 10.71 -43.15
CA ALA E 78 5.80 10.50 -41.72
C ALA E 78 5.41 11.80 -41.02
N TYR E 79 6.08 12.91 -41.37
CA TYR E 79 5.75 14.18 -40.75
C TYR E 79 4.37 14.66 -41.22
N ALA E 80 4.04 14.38 -42.49
CA ALA E 80 2.74 14.76 -43.03
C ALA E 80 1.61 14.08 -42.26
N LEU E 81 1.80 12.80 -41.93
CA LEU E 81 0.83 12.13 -41.06
C LEU E 81 0.95 12.63 -39.62
N HIS E 82 2.14 13.09 -39.22
CA HIS E 82 2.37 13.47 -37.83
C HIS E 82 1.64 14.76 -37.45
N GLN E 83 1.34 15.63 -38.42
CA GLN E 83 0.43 16.74 -38.08
C GLN E 83 -0.85 16.24 -37.42
N LYS E 84 -1.41 15.12 -37.90
CA LYS E 84 -2.62 14.59 -37.29
C LYS E 84 -2.38 13.99 -35.91
N GLY E 85 -1.12 13.76 -35.52
CA GLY E 85 -0.80 13.24 -34.22
C GLY E 85 -0.88 11.73 -34.09
N LYS E 86 -1.10 11.00 -35.18
CA LYS E 86 -1.11 9.55 -35.11
C LYS E 86 0.24 9.00 -34.69
N VAL E 87 1.32 9.56 -35.23
CA VAL E 87 2.67 9.20 -34.86
C VAL E 87 3.44 10.50 -34.63
N LYS E 88 4.56 10.39 -33.91
CA LYS E 88 5.46 11.51 -33.70
C LYS E 88 6.89 11.06 -33.99
N ILE E 89 7.67 11.95 -34.57
CA ILE E 89 9.05 11.68 -34.94
C ILE E 89 9.96 12.38 -33.95
N ILE E 90 10.98 11.65 -33.46
CA ILE E 90 12.06 12.22 -32.69
C ILE E 90 13.35 11.93 -33.44
N PRO E 91 14.21 12.92 -33.68
CA PRO E 91 15.49 12.67 -34.32
C PRO E 91 16.74 12.49 -33.45
N ILE E 92 17.60 11.60 -33.92
CA ILE E 92 18.87 11.30 -33.27
C ILE E 92 19.97 11.84 -34.17
N LEU E 93 20.93 12.54 -33.57
CA LEU E 93 21.98 13.24 -34.30
C LEU E 93 23.27 12.45 -34.17
N LEU E 94 23.69 11.83 -35.27
CA LEU E 94 24.98 11.15 -35.28
C LEU E 94 26.13 12.14 -35.12
N THR E 95 26.03 13.30 -35.78
CA THR E 95 26.99 14.37 -35.66
C THR E 95 26.33 15.57 -34.99
N ASN E 96 27.16 16.49 -34.50
CA ASN E 96 26.66 17.70 -33.86
C ASN E 96 25.93 18.55 -34.89
N ARG E 97 24.95 19.33 -34.39
CA ARG E 97 24.09 20.13 -35.24
C ARG E 97 24.85 21.08 -36.15
N ALA E 98 26.04 21.52 -35.72
CA ALA E 98 26.77 22.53 -36.49
C ALA E 98 27.30 21.97 -37.81
N GLN E 99 27.78 20.74 -37.82
CA GLN E 99 28.52 20.19 -38.95
C GLN E 99 27.65 19.37 -39.90
N LEU E 100 26.36 19.68 -39.98
CA LEU E 100 25.53 19.05 -41.00
C LEU E 100 25.80 19.68 -42.37
N ASP E 101 25.50 18.91 -43.42
CA ASP E 101 25.70 19.38 -44.79
C ASP E 101 24.36 19.90 -45.33
N LEU E 102 24.02 21.11 -44.89
CA LEU E 102 22.73 21.69 -45.23
C LEU E 102 22.77 22.47 -46.53
N ASN E 103 23.94 23.00 -46.90
CA ASN E 103 24.03 23.86 -48.08
C ASN E 103 23.72 23.10 -49.36
N ALA E 104 24.18 21.85 -49.47
CA ALA E 104 23.91 21.06 -50.65
C ALA E 104 22.42 20.74 -50.80
N LEU E 105 21.67 20.84 -49.72
CA LEU E 105 20.23 20.60 -49.77
C LEU E 105 19.52 21.73 -50.48
N THR E 106 18.36 21.43 -51.05
CA THR E 106 17.58 22.44 -51.75
C THR E 106 16.85 23.33 -50.74
N ASP E 107 16.20 24.37 -51.26
CA ASP E 107 15.56 25.37 -50.41
C ASP E 107 14.44 24.75 -49.60
N ALA E 108 13.52 24.05 -50.26
CA ALA E 108 12.36 23.50 -49.55
C ALA E 108 12.76 22.44 -48.54
N ARG E 109 13.65 21.53 -48.93
CA ARG E 109 14.09 20.49 -48.00
C ARG E 109 14.87 21.08 -46.83
N ARG E 110 15.71 22.09 -47.10
CA ARG E 110 16.43 22.74 -46.00
C ARG E 110 15.46 23.42 -45.04
N ASN E 111 14.45 24.11 -45.56
CA ASN E 111 13.47 24.76 -44.70
C ASN E 111 12.71 23.75 -43.86
N PHE E 112 12.34 22.62 -44.48
CA PHE E 112 11.66 21.55 -43.75
C PHE E 112 12.55 21.02 -42.63
N LEU E 113 13.85 20.82 -42.93
CA LEU E 113 14.77 20.32 -41.92
C LEU E 113 14.90 21.31 -40.76
N GLU E 114 15.02 22.60 -41.07
CA GLU E 114 15.09 23.60 -39.99
C GLU E 114 13.82 23.59 -39.16
N SER E 115 12.66 23.50 -39.81
CA SER E 115 11.40 23.49 -39.06
C SER E 115 11.33 22.31 -38.11
N ILE E 116 11.65 21.11 -38.60
CA ILE E 116 11.55 19.93 -37.73
C ILE E 116 12.60 19.98 -36.63
N LEU E 117 13.79 20.49 -36.94
CA LEU E 117 14.85 20.53 -35.95
C LEU E 117 14.56 21.54 -34.84
N THR E 118 13.96 22.68 -35.18
CA THR E 118 13.73 23.72 -34.18
C THR E 118 12.41 23.54 -33.45
N ARG E 119 11.29 23.45 -34.16
CA ARG E 119 10.00 23.38 -33.49
C ARG E 119 9.83 22.08 -32.72
N LEU E 120 10.59 21.05 -33.08
CA LEU E 120 10.54 19.76 -32.42
C LEU E 120 11.87 19.44 -31.76
N LYS E 121 11.82 19.01 -30.51
CA LYS E 121 13.04 18.74 -29.75
C LYS E 121 13.80 17.55 -30.32
N TYR E 122 15.12 17.68 -30.37
CA TYR E 122 16.02 16.65 -30.88
C TYR E 122 16.97 16.21 -29.78
N VAL E 123 17.76 15.17 -30.09
CA VAL E 123 18.74 14.62 -29.16
C VAL E 123 19.99 14.22 -29.95
N GLU E 124 21.15 14.45 -29.34
CA GLU E 124 22.43 14.30 -29.99
C GLU E 124 23.12 13.02 -29.52
N PHE E 125 23.74 12.31 -30.47
CA PHE E 125 24.39 11.04 -30.21
C PHE E 125 25.86 11.13 -30.58
N ASP E 126 26.71 10.44 -29.81
CA ASP E 126 28.12 10.37 -30.12
C ASP E 126 28.61 8.94 -29.94
N PRO E 127 29.55 8.49 -30.79
CA PRO E 127 30.07 7.12 -30.62
C PRO E 127 30.96 6.95 -29.40
N HIS E 128 31.48 8.04 -28.83
CA HIS E 128 32.44 7.92 -27.74
C HIS E 128 31.76 7.65 -26.41
N ASN E 129 30.93 8.58 -25.95
CA ASN E 129 30.22 8.45 -24.68
C ASN E 129 28.96 7.64 -24.92
N MET E 130 29.14 6.32 -25.05
CA MET E 130 28.05 5.44 -25.43
C MET E 130 26.97 5.40 -24.35
N THR E 131 27.38 5.31 -23.07
CA THR E 131 26.43 5.07 -22.00
C THR E 131 25.48 6.25 -21.82
N ARG E 132 26.02 7.47 -21.70
CA ARG E 132 25.16 8.62 -21.49
C ARG E 132 24.31 8.92 -22.72
N SER E 133 24.87 8.70 -23.91
CA SER E 133 24.08 8.90 -25.13
C SER E 133 22.91 7.93 -25.19
N LEU E 134 23.16 6.66 -24.85
CA LEU E 134 22.08 5.68 -24.81
C LEU E 134 21.04 6.02 -23.76
N GLY E 135 21.49 6.49 -22.59
CA GLY E 135 20.54 6.90 -21.56
C GLY E 135 19.69 8.09 -22.00
N SER E 136 20.31 9.06 -22.68
CA SER E 136 19.55 10.18 -23.21
C SER E 136 18.54 9.73 -24.26
N VAL E 137 18.93 8.78 -25.12
CA VAL E 137 18.01 8.26 -26.12
C VAL E 137 16.82 7.60 -25.45
N ALA E 138 17.08 6.79 -24.41
CA ALA E 138 16.00 6.13 -23.70
C ALA E 138 15.09 7.15 -23.01
N GLU E 139 15.68 8.17 -22.39
CA GLU E 139 14.88 9.18 -21.72
C GLU E 139 13.99 9.93 -22.71
N ALA E 140 14.54 10.25 -23.88
CA ALA E 140 13.73 10.88 -24.93
C ALA E 140 12.63 9.94 -25.41
N LEU E 141 12.89 8.63 -25.43
CA LEU E 141 11.84 7.67 -25.78
C LEU E 141 10.70 7.68 -24.77
N TRP E 142 11.03 7.68 -23.48
CA TRP E 142 10.02 7.54 -22.44
C TRP E 142 9.58 8.87 -21.84
N GLN E 143 9.79 9.98 -22.54
CA GLN E 143 9.41 11.28 -22.01
C GLN E 143 7.90 11.43 -21.89
N ASN E 144 7.17 11.13 -22.96
CA ASN E 144 5.74 11.35 -23.02
C ASN E 144 4.91 10.12 -22.67
N GLU E 145 5.56 9.00 -22.34
CA GLU E 145 4.87 7.74 -22.11
C GLU E 145 4.55 7.58 -20.63
N ALA E 146 3.75 6.56 -20.35
CA ALA E 146 3.42 6.13 -19.00
C ALA E 146 4.59 5.35 -18.43
N VAL E 147 4.35 4.57 -17.38
CA VAL E 147 5.38 3.97 -16.52
C VAL E 147 6.59 3.48 -17.31
N ARG E 148 7.77 3.88 -16.86
CA ARG E 148 9.02 3.63 -17.56
C ARG E 148 9.42 2.17 -17.43
N PHE E 149 10.54 1.82 -18.07
CA PHE E 149 11.05 0.44 -18.03
C PHE E 149 12.56 0.51 -18.19
N GLU E 150 13.28 0.45 -17.08
CA GLU E 150 14.74 0.44 -17.12
C GLU E 150 15.24 -0.88 -17.68
N PRO E 151 16.44 -0.89 -18.28
CA PRO E 151 16.93 -2.12 -18.91
C PRO E 151 17.07 -3.26 -17.92
N ILE E 152 16.82 -4.48 -18.41
CA ILE E 152 16.95 -5.67 -17.59
C ILE E 152 18.41 -5.91 -17.24
N ARG E 153 18.67 -6.25 -15.98
CA ARG E 153 20.02 -6.46 -15.49
C ARG E 153 20.13 -7.82 -14.83
N MET E 154 21.31 -8.43 -14.92
CA MET E 154 21.55 -9.75 -14.37
C MET E 154 22.22 -9.60 -13.01
N ILE E 155 21.54 -10.05 -11.95
CA ILE E 155 22.07 -9.97 -10.59
C ILE E 155 21.89 -11.33 -9.93
N LYS E 156 22.94 -11.83 -9.28
CA LYS E 156 22.87 -13.05 -8.49
C LYS E 156 22.71 -12.65 -7.03
N VAL E 157 21.51 -12.87 -6.49
CA VAL E 157 21.17 -12.48 -5.12
C VAL E 157 21.12 -13.74 -4.27
N ASN E 158 21.89 -13.75 -3.18
CA ASN E 158 21.93 -14.87 -2.24
C ASN E 158 22.26 -16.18 -2.93
N GLY E 159 23.14 -16.14 -3.93
CA GLY E 159 23.53 -17.34 -4.65
C GLY E 159 22.52 -17.85 -5.65
N THR E 160 21.57 -17.02 -6.08
CA THR E 160 20.55 -17.42 -7.04
C THR E 160 20.54 -16.45 -8.20
N GLU E 161 20.63 -16.99 -9.42
CA GLU E 161 20.55 -16.15 -10.62
C GLU E 161 19.17 -15.53 -10.74
N LEU E 162 19.14 -14.31 -11.27
CA LEU E 162 17.90 -13.54 -11.29
C LEU E 162 18.08 -12.32 -12.19
N GLN E 163 17.00 -11.95 -12.87
CA GLN E 163 16.93 -10.70 -13.62
C GLN E 163 15.75 -9.88 -13.09
N VAL E 164 15.95 -8.57 -12.97
CA VAL E 164 14.95 -7.67 -12.43
C VAL E 164 14.41 -6.81 -13.57
N VAL E 165 13.08 -6.69 -13.62
CA VAL E 165 12.41 -5.80 -14.55
C VAL E 165 12.06 -4.54 -13.79
N GLU E 166 12.80 -3.47 -14.04
CA GLU E 166 12.65 -2.22 -13.29
C GLU E 166 11.74 -1.28 -14.06
N PHE E 167 10.72 -0.76 -13.38
CA PHE E 167 9.76 0.15 -13.96
C PHE E 167 9.53 1.29 -12.98
N LYS E 168 9.49 2.52 -13.50
CA LYS E 168 9.33 3.72 -12.69
C LYS E 168 8.08 4.46 -13.12
N ILE E 169 7.32 4.93 -12.14
CA ILE E 169 6.08 5.67 -12.42
C ILE E 169 6.42 7.14 -12.62
N PRO E 170 6.05 7.76 -13.74
CA PRO E 170 6.24 9.20 -13.90
C PRO E 170 5.18 9.96 -13.12
N GLY E 171 5.57 10.53 -11.98
CA GLY E 171 4.61 11.05 -11.04
C GLY E 171 4.31 10.00 -9.98
N SER E 172 3.06 9.93 -9.53
CA SER E 172 2.67 8.93 -8.56
C SER E 172 1.34 8.26 -8.86
N ASN E 173 0.63 8.68 -9.92
CA ASN E 173 -0.67 8.10 -10.22
C ASN E 173 -0.80 7.93 -11.73
N LEU E 174 -1.63 6.98 -12.13
CA LEU E 174 -1.96 6.71 -13.50
C LEU E 174 -3.48 6.73 -13.67
N PRO E 175 -3.97 6.94 -14.89
CA PRO E 175 -5.41 6.78 -15.11
C PRO E 175 -5.85 5.38 -14.74
N VAL E 176 -7.06 5.28 -14.17
CA VAL E 176 -7.53 3.99 -13.68
C VAL E 176 -7.76 3.02 -14.83
N ASP E 177 -8.17 3.52 -15.99
CA ASP E 177 -8.37 2.70 -17.19
C ASP E 177 -7.14 2.70 -18.10
N PHE E 178 -5.96 2.95 -17.54
CA PHE E 178 -4.74 3.02 -18.33
C PHE E 178 -4.43 1.69 -19.01
N LEU E 179 -4.66 0.58 -18.32
CA LEU E 179 -4.34 -0.73 -18.86
C LEU E 179 -5.05 -1.02 -20.18
N HIS E 180 -6.20 -0.40 -20.42
CA HIS E 180 -6.93 -0.64 -21.66
C HIS E 180 -6.15 -0.13 -22.87
N HIS E 181 -5.49 1.01 -22.73
CA HIS E 181 -4.82 1.67 -23.85
C HIS E 181 -3.34 1.36 -23.94
N TRP E 182 -2.82 0.46 -23.12
CA TRP E 182 -1.41 0.13 -23.18
C TRP E 182 -1.11 -0.74 -24.41
N ASP E 183 0.03 -0.49 -25.03
CA ASP E 183 0.43 -1.22 -26.23
C ASP E 183 1.59 -2.16 -25.94
N LEU E 184 1.61 -2.74 -24.74
CA LEU E 184 2.68 -3.64 -24.34
C LEU E 184 2.07 -4.89 -23.75
N LYS E 185 2.34 -6.04 -24.35
CA LYS E 185 2.06 -7.34 -23.76
C LYS E 185 3.38 -8.09 -23.73
N ILE E 186 3.70 -8.69 -22.58
CA ILE E 186 5.03 -9.25 -22.37
C ILE E 186 5.19 -10.65 -22.95
N GLU E 187 4.10 -11.27 -23.41
CA GLU E 187 4.19 -12.62 -23.94
C GLU E 187 5.12 -12.72 -25.15
N ASP E 188 5.18 -11.64 -25.95
CA ASP E 188 6.05 -11.62 -27.12
C ASP E 188 7.51 -11.34 -26.78
N PHE E 189 7.81 -11.00 -25.52
CA PHE E 189 9.18 -10.65 -25.12
C PHE E 189 9.80 -11.70 -24.19
N ILE E 190 9.44 -12.96 -24.34
CA ILE E 190 10.07 -14.06 -23.61
C ILE E 190 10.78 -14.96 -24.62
N ALA E 191 12.05 -15.27 -24.33
CA ALA E 191 12.80 -16.18 -25.18
C ALA E 191 12.23 -17.59 -25.07
N THR E 192 12.13 -18.27 -26.22
CA THR E 192 11.66 -19.65 -26.25
C THR E 192 12.79 -20.66 -26.22
N SER E 193 14.00 -20.26 -26.60
CA SER E 193 15.17 -21.11 -26.61
C SER E 193 16.32 -20.42 -25.89
N PRO E 194 17.21 -21.19 -25.25
CA PRO E 194 18.37 -20.55 -24.60
C PRO E 194 19.24 -19.77 -25.56
N ASN E 195 19.37 -20.23 -26.80
CA ASN E 195 20.20 -19.53 -27.78
C ASN E 195 19.52 -18.25 -28.26
N GLU E 196 18.20 -18.29 -28.48
CA GLU E 196 17.48 -17.15 -29.01
C GLU E 196 17.61 -15.94 -28.09
N GLN E 197 17.94 -14.80 -28.67
CA GLN E 197 18.15 -13.57 -27.92
C GLN E 197 16.84 -12.80 -27.80
N LYS E 198 16.42 -12.54 -26.57
CA LYS E 198 15.18 -11.82 -26.28
C LYS E 198 15.40 -11.02 -25.00
N PRO E 199 14.55 -10.01 -24.75
CA PRO E 199 14.72 -9.23 -23.51
C PRO E 199 14.71 -10.09 -22.25
N VAL E 200 13.85 -11.11 -22.20
CA VAL E 200 13.77 -12.01 -21.07
C VAL E 200 14.44 -13.32 -21.47
N LYS E 201 15.54 -13.66 -20.80
CA LYS E 201 16.23 -14.91 -21.08
C LYS E 201 15.37 -16.09 -20.66
N PHE E 202 15.56 -17.22 -21.33
CA PHE E 202 14.67 -18.35 -21.18
C PHE E 202 14.91 -19.08 -19.86
N ASP E 203 13.82 -19.35 -19.14
CA ASP E 203 13.76 -20.30 -18.02
C ASP E 203 14.43 -19.76 -16.76
N VAL E 204 15.11 -18.62 -16.87
CA VAL E 204 15.76 -18.02 -15.69
C VAL E 204 14.72 -17.27 -14.88
N PRO E 205 14.87 -17.18 -13.55
CA PRO E 205 13.90 -16.44 -12.75
C PRO E 205 13.83 -14.98 -13.15
N VAL E 206 12.63 -14.41 -13.10
CA VAL E 206 12.38 -13.01 -13.41
C VAL E 206 11.64 -12.38 -12.24
N ALA E 207 12.11 -11.20 -11.81
CA ALA E 207 11.53 -10.49 -10.68
C ALA E 207 10.96 -9.16 -11.13
N LEU E 208 9.88 -8.75 -10.46
CA LEU E 208 9.28 -7.44 -10.66
C LEU E 208 9.64 -6.58 -9.47
N TYR E 209 10.35 -5.48 -9.72
CA TYR E 209 10.84 -4.61 -8.66
C TYR E 209 10.54 -3.17 -9.03
N GLY E 210 10.10 -2.39 -8.05
CA GLY E 210 9.71 -1.02 -8.27
C GLY E 210 8.31 -0.74 -7.76
N PRO E 211 8.12 0.45 -7.18
CA PRO E 211 6.79 0.78 -6.62
C PRO E 211 5.73 0.85 -7.71
N GLY E 212 4.52 0.42 -7.33
CA GLY E 212 3.40 0.42 -8.25
C GLY E 212 2.17 -0.22 -7.65
N PRO E 213 1.01 0.10 -8.21
CA PRO E 213 -0.24 -0.49 -7.71
C PRO E 213 -0.28 -2.00 -7.97
N ASN E 214 -1.08 -2.68 -7.16
CA ASN E 214 -1.10 -4.15 -7.19
C ASN E 214 -1.71 -4.69 -8.48
N TRP E 215 -2.66 -3.98 -9.09
CA TRP E 215 -3.24 -4.47 -10.33
C TRP E 215 -2.22 -4.50 -11.45
N LEU E 216 -1.34 -3.50 -11.50
CA LEU E 216 -0.24 -3.53 -12.48
C LEU E 216 0.69 -4.71 -12.21
N TYR E 217 0.94 -5.01 -10.93
CA TYR E 217 1.77 -6.17 -10.60
C TYR E 217 1.13 -7.45 -11.09
N ALA E 218 -0.18 -7.58 -10.89
CA ALA E 218 -0.90 -8.76 -11.37
C ALA E 218 -0.82 -8.86 -12.89
N PHE E 219 -1.00 -7.72 -13.58
CA PHE E 219 -0.97 -7.74 -15.03
C PHE E 219 0.41 -8.09 -15.56
N LEU E 220 1.46 -7.69 -14.85
CA LEU E 220 2.81 -7.95 -15.32
C LEU E 220 3.33 -9.32 -14.89
N THR E 221 2.69 -9.94 -13.90
CA THR E 221 3.08 -11.27 -13.43
C THR E 221 2.28 -12.38 -14.08
N LEU E 222 1.01 -12.13 -14.38
CA LEU E 222 0.10 -13.20 -14.82
C LEU E 222 0.53 -13.90 -16.10
N PRO E 223 0.94 -13.22 -17.18
CA PRO E 223 1.31 -13.95 -18.40
C PRO E 223 2.54 -14.83 -18.26
N PHE E 224 3.23 -14.82 -17.11
CA PHE E 224 4.46 -15.57 -16.93
C PHE E 224 4.23 -17.02 -16.52
N LYS E 225 2.99 -17.46 -16.34
CA LYS E 225 2.74 -18.81 -15.86
C LYS E 225 3.24 -19.84 -16.87
N ASN E 226 3.82 -20.92 -16.35
CA ASN E 226 4.38 -22.02 -17.14
C ASN E 226 5.53 -21.58 -18.04
N ARG E 227 6.09 -20.41 -17.78
CA ARG E 227 7.21 -19.91 -18.57
C ARG E 227 8.47 -19.71 -17.76
N ASN E 228 8.41 -18.96 -16.66
CA ASN E 228 9.56 -18.75 -15.79
C ASN E 228 9.08 -18.58 -14.36
N THR E 229 9.95 -18.93 -13.42
CA THR E 229 9.67 -18.65 -12.02
C THR E 229 9.65 -17.15 -11.78
N VAL E 230 8.62 -16.66 -11.12
CA VAL E 230 8.41 -15.23 -10.92
C VAL E 230 8.77 -14.87 -9.48
N PHE E 231 9.69 -13.93 -9.33
CA PHE E 231 9.99 -13.31 -8.06
C PHE E 231 9.31 -11.95 -7.99
N VAL E 232 9.16 -11.43 -6.78
CA VAL E 232 8.54 -10.13 -6.57
C VAL E 232 9.18 -9.48 -5.35
N PHE E 233 9.21 -8.14 -5.33
CA PHE E 233 9.87 -7.39 -4.29
C PHE E 233 8.86 -6.65 -3.44
N ASN E 234 8.91 -6.88 -2.14
CA ASN E 234 8.05 -6.20 -1.17
C ASN E 234 8.90 -5.25 -0.34
N SER E 235 8.50 -3.98 -0.29
CA SER E 235 9.30 -2.94 0.33
C SER E 235 9.05 -2.79 1.82
N ARG E 236 8.17 -3.61 2.41
CA ARG E 236 7.93 -3.52 3.84
C ARG E 236 9.20 -3.85 4.63
N THR E 237 9.93 -4.88 4.21
CA THR E 237 11.20 -5.22 4.82
C THR E 237 12.30 -5.34 3.76
N SER E 238 11.97 -5.08 2.49
CA SER E 238 12.94 -4.99 1.39
C SER E 238 13.63 -6.32 1.10
N GLU E 239 12.87 -7.36 0.79
CA GLU E 239 13.41 -8.60 0.27
C GLU E 239 12.55 -9.08 -0.89
N TYR E 240 13.16 -9.87 -1.77
CA TYR E 240 12.40 -10.48 -2.86
C TYR E 240 11.59 -11.66 -2.34
N ILE E 241 10.47 -11.91 -3.02
CA ILE E 241 9.54 -12.96 -2.65
C ILE E 241 9.22 -13.80 -3.88
N CYS E 242 9.32 -15.12 -3.75
CA CYS E 242 8.97 -16.03 -4.83
C CYS E 242 7.52 -16.44 -4.71
N VAL E 243 6.79 -16.36 -5.82
CA VAL E 243 5.39 -16.73 -5.84
C VAL E 243 5.07 -17.90 -6.77
N TYR E 244 5.97 -18.25 -7.69
CA TYR E 244 5.75 -19.36 -8.61
C TYR E 244 7.01 -20.19 -8.69
N SER E 245 6.86 -21.51 -8.62
CA SER E 245 7.98 -22.44 -8.67
C SER E 245 7.85 -23.30 -9.92
N LYS E 246 8.39 -22.79 -11.03
CA LYS E 246 8.46 -23.56 -12.27
C LYS E 246 9.76 -24.33 -12.43
N SER E 247 10.70 -24.16 -11.50
CA SER E 247 11.99 -24.82 -11.56
C SER E 247 12.31 -25.46 -10.22
N ALA E 248 13.05 -26.56 -10.27
CA ALA E 248 13.41 -27.29 -9.06
C ALA E 248 14.39 -26.48 -8.21
N GLY E 249 14.36 -26.73 -6.92
CA GLY E 249 15.22 -26.04 -5.97
C GLY E 249 14.66 -24.75 -5.42
N LEU E 250 13.52 -24.29 -5.92
CA LEU E 250 12.89 -23.06 -5.44
C LEU E 250 11.45 -23.38 -5.06
N ALA E 251 11.00 -22.83 -3.95
CA ALA E 251 9.63 -23.03 -3.48
C ALA E 251 8.93 -21.69 -3.29
N PRO E 252 7.60 -21.64 -3.47
CA PRO E 252 6.89 -20.38 -3.25
C PRO E 252 6.87 -19.99 -1.78
N GLY E 253 7.61 -18.94 -1.43
CA GLY E 253 7.69 -18.51 -0.05
C GLY E 253 9.10 -18.26 0.42
N MET E 254 10.08 -18.69 -0.37
CA MET E 254 11.47 -18.45 -0.01
C MET E 254 11.82 -16.97 -0.18
N VAL E 255 12.85 -16.54 0.54
CA VAL E 255 13.21 -15.14 0.60
C VAL E 255 14.63 -14.94 0.08
N LEU E 256 14.88 -13.76 -0.48
CA LEU E 256 16.20 -13.34 -0.93
C LEU E 256 16.56 -12.07 -0.16
N LYS E 257 17.55 -12.16 0.72
CA LYS E 257 17.96 -11.01 1.51
C LYS E 257 18.53 -9.92 0.62
N GLY E 258 18.21 -8.67 0.94
CA GLY E 258 18.68 -7.54 0.17
C GLY E 258 20.17 -7.27 0.34
N PRO F 2 -5.54 -25.07 4.29
CA PRO F 2 -6.04 -25.84 5.43
C PRO F 2 -7.03 -26.91 5.01
N GLN F 3 -6.99 -28.05 5.70
CA GLN F 3 -7.91 -29.16 5.45
C GLN F 3 -8.88 -29.30 6.61
N ALA F 4 -9.97 -30.04 6.35
CA ALA F 4 -11.00 -30.27 7.36
C ALA F 4 -11.53 -31.69 7.20
N PHE F 5 -11.33 -32.52 8.22
CA PHE F 5 -11.81 -33.89 8.23
C PHE F 5 -13.08 -33.96 9.05
N PHE F 6 -14.11 -34.61 8.51
CA PHE F 6 -15.42 -34.67 9.13
C PHE F 6 -15.64 -36.07 9.69
N SER F 7 -15.84 -36.16 11.00
CA SER F 7 -16.19 -37.41 11.68
C SER F 7 -17.61 -37.26 12.20
N HIS F 8 -18.49 -38.19 11.83
CA HIS F 8 -19.91 -38.02 12.08
C HIS F 8 -20.60 -39.38 11.97
N ASN F 9 -21.93 -39.33 12.03
CA ASN F 9 -22.79 -40.49 11.81
C ASN F 9 -23.86 -40.12 10.78
N ASN F 10 -24.37 -41.14 10.09
CA ASN F 10 -25.32 -40.90 9.00
C ASN F 10 -26.59 -40.20 9.47
N LYS F 11 -26.94 -40.28 10.75
CA LYS F 11 -28.12 -39.60 11.25
C LYS F 11 -28.01 -38.08 11.16
N ASP F 12 -26.79 -37.55 11.07
CA ASP F 12 -26.56 -36.12 10.92
C ASP F 12 -26.07 -35.74 9.54
N LYS F 13 -26.19 -36.65 8.56
CA LYS F 13 -25.68 -36.39 7.22
C LYS F 13 -26.31 -35.16 6.59
N LYS F 14 -27.58 -34.91 6.88
CA LYS F 14 -28.28 -33.78 6.27
C LYS F 14 -27.61 -32.46 6.62
N ILE F 15 -27.19 -32.32 7.88
CA ILE F 15 -26.52 -31.08 8.26
C ILE F 15 -25.03 -31.15 7.96
N VAL F 16 -24.44 -32.35 7.94
CA VAL F 16 -23.02 -32.47 7.67
C VAL F 16 -22.71 -32.05 6.24
N LEU F 17 -23.52 -32.49 5.29
CA LEU F 17 -23.32 -32.08 3.90
C LEU F 17 -23.51 -30.58 3.74
N GLU F 18 -24.48 -29.99 4.44
CA GLU F 18 -24.71 -28.55 4.33
C GLU F 18 -23.51 -27.76 4.85
N VAL F 19 -23.02 -28.13 6.04
CA VAL F 19 -21.89 -27.39 6.60
C VAL F 19 -20.64 -27.63 5.75
N LEU F 20 -20.47 -28.84 5.20
CA LEU F 20 -19.34 -29.09 4.33
C LEU F 20 -19.41 -28.25 3.06
N GLU F 21 -20.61 -28.11 2.48
CA GLU F 21 -20.76 -27.27 1.30
C GLU F 21 -20.44 -25.82 1.63
N HIS F 22 -20.93 -25.32 2.77
CA HIS F 22 -20.63 -23.95 3.16
C HIS F 22 -19.13 -23.76 3.37
N LEU F 23 -18.47 -24.74 3.98
CA LEU F 23 -17.04 -24.65 4.21
C LEU F 23 -16.27 -24.64 2.89
N ARG F 24 -16.64 -25.54 1.98
CA ARG F 24 -16.03 -25.56 0.65
C ARG F 24 -16.24 -24.25 -0.08
N GLN F 25 -17.36 -23.58 0.18
CA GLN F 25 -17.58 -22.25 -0.38
C GLN F 25 -16.57 -21.24 0.16
N SER F 26 -15.87 -21.56 1.24
CA SER F 26 -14.90 -20.66 1.84
C SER F 26 -13.45 -21.04 1.55
N LEU F 27 -13.21 -21.75 0.44
CA LEU F 27 -11.86 -22.07 -0.03
C LEU F 27 -11.05 -22.84 1.03
N VAL F 28 -11.66 -23.85 1.63
CA VAL F 28 -10.97 -24.75 2.54
C VAL F 28 -11.16 -26.17 2.06
N ALA F 29 -10.13 -26.99 2.23
CA ALA F 29 -10.18 -28.38 1.79
C ALA F 29 -11.10 -29.17 2.71
N THR F 30 -12.17 -29.75 2.15
CA THR F 30 -13.12 -30.56 2.90
C THR F 30 -12.97 -32.01 2.47
N TRP F 31 -12.67 -32.88 3.42
CA TRP F 31 -12.46 -34.29 3.16
C TRP F 31 -13.50 -35.10 3.91
N ILE F 32 -14.18 -36.00 3.19
CA ILE F 32 -15.20 -36.87 3.74
C ILE F 32 -14.82 -38.31 3.37
N ASP F 33 -15.66 -39.26 3.76
CA ASP F 33 -15.36 -40.67 3.49
C ASP F 33 -15.18 -40.92 1.99
N GLN F 34 -14.19 -41.75 1.67
CA GLN F 34 -13.86 -42.17 0.31
C GLN F 34 -13.95 -41.02 -0.69
N GLN F 35 -13.22 -39.94 -0.43
CA GLN F 35 -13.35 -38.71 -1.22
C GLN F 35 -12.05 -38.18 -1.78
N SER F 36 -10.92 -38.35 -1.09
CA SER F 36 -9.66 -37.71 -1.46
C SER F 36 -8.53 -38.65 -1.07
N ILE F 37 -7.33 -38.09 -0.92
CA ILE F 37 -6.14 -38.76 -0.39
C ILE F 37 -5.82 -40.04 -1.17
N PRO F 38 -5.27 -39.90 -2.38
CA PRO F 38 -4.93 -41.10 -3.17
C PRO F 38 -3.78 -41.90 -2.58
N GLY F 39 -3.36 -41.55 -1.37
CA GLY F 39 -2.31 -42.27 -0.68
C GLY F 39 -2.69 -42.74 0.72
N GLY F 40 -3.93 -43.18 0.87
CA GLY F 40 -4.38 -43.73 2.15
C GLY F 40 -5.87 -44.00 2.12
N GLY F 41 -6.41 -44.27 3.30
CA GLY F 41 -7.82 -44.53 3.44
C GLY F 41 -8.31 -44.23 4.84
N SER F 42 -9.60 -44.51 5.07
CA SER F 42 -10.29 -44.12 6.29
C SER F 42 -10.09 -42.63 6.60
N LEU F 43 -9.81 -42.30 7.86
CA LEU F 43 -9.64 -40.90 8.23
C LEU F 43 -8.44 -40.66 9.12
N ILE F 44 -7.96 -41.70 9.82
CA ILE F 44 -6.96 -41.51 10.86
C ILE F 44 -5.58 -41.26 10.26
N GLN F 45 -5.08 -42.20 9.46
CA GLN F 45 -3.73 -42.08 8.93
C GLN F 45 -3.59 -40.98 7.88
N GLN F 46 -4.68 -40.34 7.46
CA GLN F 46 -4.58 -39.12 6.67
C GLN F 46 -3.90 -37.98 7.42
N ILE F 47 -3.88 -38.04 8.76
CA ILE F 47 -3.30 -36.96 9.55
C ILE F 47 -1.80 -36.85 9.26
N ILE F 48 -1.12 -37.98 9.08
CA ILE F 48 0.31 -37.96 8.83
C ILE F 48 0.52 -37.66 7.36
N ALA F 49 0.49 -36.38 7.01
CA ALA F 49 0.61 -35.92 5.63
C ALA F 49 0.74 -34.40 5.59
N GLY F 50 1.44 -33.89 4.58
CA GLY F 50 1.56 -32.45 4.41
C GLY F 50 2.46 -31.78 5.43
N ILE F 51 1.98 -30.68 6.01
CA ILE F 51 2.78 -29.86 6.90
C ILE F 51 2.20 -29.94 8.32
N SER F 52 2.89 -29.30 9.27
CA SER F 52 2.44 -29.30 10.66
C SER F 52 1.03 -28.76 10.78
N LYS F 53 0.68 -27.76 9.97
CA LYS F 53 -0.70 -27.33 9.81
C LYS F 53 -1.39 -28.37 8.93
N SER F 54 -1.78 -29.48 9.55
CA SER F 54 -2.37 -30.59 8.81
C SER F 54 -3.86 -30.33 8.52
N GLN F 55 -4.65 -30.23 9.58
CA GLN F 55 -6.10 -30.02 9.49
C GLN F 55 -6.63 -29.86 10.91
N TYR F 56 -7.91 -29.50 11.01
CA TYR F 56 -8.62 -29.44 12.28
C TYR F 56 -9.74 -30.46 12.29
N PHE F 57 -9.76 -31.31 13.32
CA PHE F 57 -10.73 -32.39 13.42
C PHE F 57 -12.10 -31.82 13.73
N LEU F 58 -13.08 -32.11 12.86
CA LEU F 58 -14.46 -31.68 13.05
C LEU F 58 -15.26 -32.85 13.60
N ALA F 59 -15.25 -33.01 14.92
CA ALA F 59 -15.98 -34.10 15.58
C ALA F 59 -17.42 -33.65 15.78
N PHE F 60 -18.32 -34.24 15.00
CA PHE F 60 -19.74 -33.89 15.05
C PHE F 60 -20.42 -34.63 16.20
N LEU F 61 -20.24 -34.08 17.40
CA LEU F 61 -20.82 -34.67 18.59
C LEU F 61 -22.34 -34.58 18.55
N SER F 62 -23.01 -35.70 18.81
CA SER F 62 -24.47 -35.74 18.81
C SER F 62 -24.94 -36.91 19.65
N ASN F 63 -26.22 -36.89 20.00
CA ASN F 63 -26.78 -37.94 20.85
C ASN F 63 -26.70 -39.30 20.18
N GLU F 64 -27.07 -39.37 18.89
CA GLU F 64 -26.90 -40.63 18.17
C GLU F 64 -25.44 -40.92 17.91
N TYR F 65 -24.62 -39.89 17.69
CA TYR F 65 -23.18 -40.08 17.62
C TYR F 65 -22.62 -40.49 18.97
N LEU F 66 -23.22 -40.04 20.07
CA LEU F 66 -22.55 -40.34 21.36
C LEU F 66 -22.68 -41.82 21.71
N LYS F 67 -22.22 -42.69 20.81
CA LYS F 67 -22.25 -44.15 21.08
C LYS F 67 -21.45 -44.82 19.98
N SER F 68 -22.11 -45.29 18.93
CA SER F 68 -21.39 -45.84 17.76
C SER F 68 -19.97 -46.23 18.17
N ASP F 69 -19.84 -47.15 19.12
CA ASP F 69 -18.51 -47.51 19.65
C ASP F 69 -17.44 -47.12 18.64
N TRP F 70 -17.47 -47.71 17.45
CA TRP F 70 -16.36 -47.44 16.51
C TRP F 70 -15.93 -45.98 16.64
N CYS F 71 -16.80 -45.05 16.27
CA CYS F 71 -16.42 -43.62 16.30
C CYS F 71 -15.42 -43.37 17.43
N TRP F 72 -15.71 -43.89 18.62
CA TRP F 72 -14.80 -43.58 19.75
C TRP F 72 -13.35 -43.87 19.35
N ASP F 73 -13.01 -45.10 18.96
CA ASP F 73 -11.61 -45.41 18.70
C ASP F 73 -10.95 -44.30 17.87
N GLU F 74 -11.59 -43.88 16.78
CA GLU F 74 -11.00 -42.80 16.00
C GLU F 74 -11.01 -41.48 16.75
N LEU F 75 -12.03 -41.19 17.56
CA LEU F 75 -11.99 -39.97 18.36
C LEU F 75 -10.84 -40.00 19.36
N GLU F 76 -10.63 -41.16 20.01
CA GLU F 76 -9.54 -41.31 20.96
C GLU F 76 -8.19 -41.13 20.29
N GLN F 77 -8.01 -41.74 19.11
CA GLN F 77 -6.75 -41.59 18.40
C GLN F 77 -6.54 -40.14 17.98
N ALA F 78 -7.58 -39.47 17.51
CA ALA F 78 -7.46 -38.09 17.09
C ALA F 78 -7.04 -37.21 18.27
N TYR F 79 -7.66 -37.41 19.43
CA TYR F 79 -7.26 -36.63 20.61
C TYR F 79 -5.82 -36.95 21.02
N ALA F 80 -5.46 -38.23 21.03
CA ALA F 80 -4.14 -38.63 21.48
C ALA F 80 -3.05 -38.03 20.60
N LEU F 81 -3.26 -38.04 19.29
CA LEU F 81 -2.30 -37.41 18.39
C LEU F 81 -2.45 -35.90 18.32
N HIS F 82 -3.56 -35.35 18.83
CA HIS F 82 -3.66 -33.91 19.00
C HIS F 82 -2.83 -33.44 20.19
N GLN F 83 -2.66 -34.30 21.20
CA GLN F 83 -1.75 -33.97 22.29
C GLN F 83 -0.35 -33.69 21.79
N LYS F 84 0.04 -34.31 20.66
CA LYS F 84 1.32 -34.02 20.03
C LYS F 84 1.30 -32.71 19.25
N GLY F 85 0.14 -32.11 19.03
CA GLY F 85 0.03 -30.84 18.33
C GLY F 85 -0.06 -30.94 16.83
N LYS F 86 -0.12 -32.14 16.26
CA LYS F 86 -0.22 -32.28 14.80
C LYS F 86 -1.59 -31.85 14.30
N VAL F 87 -2.63 -32.11 15.10
CA VAL F 87 -4.01 -31.79 14.70
C VAL F 87 -4.67 -31.03 15.83
N LYS F 88 -5.73 -30.31 15.49
CA LYS F 88 -6.61 -29.68 16.46
C LYS F 88 -8.01 -30.26 16.31
N ILE F 89 -8.73 -30.30 17.43
CA ILE F 89 -10.10 -30.81 17.46
C ILE F 89 -11.05 -29.65 17.68
N ILE F 90 -12.02 -29.51 16.79
CA ILE F 90 -13.10 -28.54 16.91
C ILE F 90 -14.41 -29.30 17.02
N PRO F 91 -14.84 -29.63 18.24
CA PRO F 91 -16.08 -30.40 18.40
C PRO F 91 -17.30 -29.55 18.07
N ILE F 92 -18.25 -30.16 17.37
CA ILE F 92 -19.50 -29.51 17.00
C ILE F 92 -20.62 -30.25 17.73
N LEU F 93 -21.36 -29.51 18.56
CA LEU F 93 -22.48 -30.08 19.30
C LEU F 93 -23.75 -29.90 18.49
N LEU F 94 -24.26 -31.00 17.92
CA LEU F 94 -25.51 -30.93 17.17
C LEU F 94 -26.66 -30.52 18.08
N THR F 95 -26.65 -31.00 19.33
CA THR F 95 -27.61 -30.60 20.35
C THR F 95 -26.87 -29.91 21.47
N ASN F 96 -27.60 -29.08 22.22
CA ASN F 96 -27.00 -28.38 23.35
C ASN F 96 -26.57 -29.38 24.40
N ARG F 97 -25.50 -29.04 25.13
CA ARG F 97 -24.86 -30.01 26.02
C ARG F 97 -25.77 -30.43 27.18
N ALA F 98 -26.85 -29.70 27.44
CA ALA F 98 -27.75 -30.07 28.54
C ALA F 98 -28.40 -31.42 28.26
N GLN F 99 -28.86 -31.65 27.03
CA GLN F 99 -29.53 -32.89 26.66
C GLN F 99 -28.55 -33.93 26.10
N LEU F 100 -27.27 -33.82 26.43
CA LEU F 100 -26.31 -34.85 26.05
C LEU F 100 -26.40 -36.00 27.05
N ASP F 101 -26.74 -37.19 26.55
CA ASP F 101 -27.02 -38.34 27.40
C ASP F 101 -25.66 -38.87 27.87
N LEU F 102 -25.19 -38.31 28.99
CA LEU F 102 -23.91 -38.72 29.56
C LEU F 102 -24.00 -40.05 30.29
N ASN F 103 -25.16 -40.39 30.84
CA ASN F 103 -25.28 -41.57 31.70
C ASN F 103 -25.07 -42.88 30.95
N ALA F 104 -25.32 -42.91 29.64
CA ALA F 104 -25.17 -44.16 28.90
C ALA F 104 -23.71 -44.59 28.79
N LEU F 105 -22.80 -43.62 28.71
CA LEU F 105 -21.39 -43.94 28.55
C LEU F 105 -20.83 -44.54 29.84
N THR F 106 -19.68 -45.21 29.71
CA THR F 106 -19.00 -45.77 30.87
C THR F 106 -18.20 -44.69 31.56
N ASP F 107 -17.55 -45.05 32.67
CA ASP F 107 -16.80 -44.06 33.45
C ASP F 107 -15.62 -43.49 32.65
N ALA F 108 -14.89 -44.34 31.93
CA ALA F 108 -13.76 -43.86 31.16
C ALA F 108 -14.21 -42.94 30.02
N ARG F 109 -15.24 -43.37 29.28
CA ARG F 109 -15.74 -42.56 28.18
C ARG F 109 -16.31 -41.23 28.68
N ARG F 110 -17.06 -41.28 29.79
CA ARG F 110 -17.61 -40.04 30.35
C ARG F 110 -16.52 -39.10 30.81
N ASN F 111 -15.50 -39.63 31.49
CA ASN F 111 -14.40 -38.78 31.94
C ASN F 111 -13.65 -38.17 30.77
N PHE F 112 -13.39 -38.97 29.74
CA PHE F 112 -12.70 -38.45 28.55
C PHE F 112 -13.53 -37.37 27.87
N LEU F 113 -14.83 -37.59 27.72
CA LEU F 113 -15.68 -36.60 27.08
C LEU F 113 -15.72 -35.30 27.88
N GLU F 114 -15.81 -35.42 29.22
CA GLU F 114 -15.78 -34.22 30.05
C GLU F 114 -14.46 -33.47 29.90
N SER F 115 -13.34 -34.20 29.91
CA SER F 115 -12.04 -33.56 29.79
C SER F 115 -11.93 -32.81 28.46
N ILE F 116 -12.28 -33.46 27.35
CA ILE F 116 -12.20 -32.81 26.06
C ILE F 116 -13.22 -31.68 25.91
N LEU F 117 -14.36 -31.76 26.61
CA LEU F 117 -15.36 -30.71 26.48
C LEU F 117 -14.98 -29.46 27.26
N THR F 118 -14.37 -29.61 28.44
CA THR F 118 -13.96 -28.42 29.18
C THR F 118 -12.62 -27.86 28.71
N ARG F 119 -11.62 -28.72 28.50
CA ARG F 119 -10.30 -28.21 28.13
C ARG F 119 -10.26 -27.66 26.71
N LEU F 120 -11.05 -28.23 25.80
CA LEU F 120 -11.05 -27.82 24.40
C LEU F 120 -12.32 -27.03 24.10
N LYS F 121 -12.15 -25.91 23.40
CA LYS F 121 -13.28 -25.07 23.01
C LYS F 121 -14.16 -25.80 21.99
N TYR F 122 -15.47 -25.65 22.16
CA TYR F 122 -16.45 -26.29 21.28
C TYR F 122 -17.43 -25.24 20.78
N VAL F 123 -18.18 -25.60 19.75
CA VAL F 123 -19.12 -24.70 19.09
C VAL F 123 -20.49 -25.35 19.06
N GLU F 124 -21.50 -24.64 19.56
CA GLU F 124 -22.87 -25.12 19.50
C GLU F 124 -23.46 -24.89 18.11
N PHE F 125 -24.25 -25.85 17.65
CA PHE F 125 -24.92 -25.76 16.36
C PHE F 125 -26.40 -26.07 16.54
N ASP F 126 -27.26 -25.27 15.90
CA ASP F 126 -28.69 -25.48 16.00
C ASP F 126 -29.33 -25.37 14.62
N PRO F 127 -30.27 -26.28 14.31
CA PRO F 127 -30.94 -26.21 13.00
C PRO F 127 -31.66 -24.89 12.74
N HIS F 128 -32.24 -24.27 13.77
CA HIS F 128 -33.07 -23.09 13.56
C HIS F 128 -32.25 -21.92 13.04
N ASN F 129 -31.15 -21.60 13.72
CA ASN F 129 -30.30 -20.48 13.35
C ASN F 129 -29.16 -20.95 12.44
N MET F 130 -29.52 -21.26 11.19
CA MET F 130 -28.56 -21.81 10.24
C MET F 130 -27.43 -20.83 9.96
N THR F 131 -27.77 -19.57 9.67
CA THR F 131 -26.74 -18.60 9.29
C THR F 131 -25.77 -18.34 10.43
N ARG F 132 -26.30 -18.11 11.63
CA ARG F 132 -25.43 -17.80 12.77
C ARG F 132 -24.54 -18.99 13.14
N SER F 133 -25.11 -20.19 13.19
CA SER F 133 -24.32 -21.37 13.52
C SER F 133 -23.26 -21.65 12.45
N LEU F 134 -23.62 -21.46 11.18
CA LEU F 134 -22.67 -21.66 10.10
C LEU F 134 -21.53 -20.65 10.18
N GLY F 135 -21.84 -19.39 10.46
CA GLY F 135 -20.80 -18.41 10.67
C GLY F 135 -19.93 -18.74 11.86
N SER F 136 -20.54 -19.28 12.93
CA SER F 136 -19.77 -19.66 14.11
C SER F 136 -18.80 -20.78 13.80
N VAL F 137 -19.23 -21.80 13.07
CA VAL F 137 -18.33 -22.90 12.75
C VAL F 137 -17.25 -22.45 11.76
N ALA F 138 -17.59 -21.53 10.85
CA ALA F 138 -16.58 -20.96 9.97
C ALA F 138 -15.54 -20.19 10.77
N GLU F 139 -15.98 -19.43 11.77
CA GLU F 139 -15.04 -18.72 12.64
C GLU F 139 -14.20 -19.69 13.45
N ALA F 140 -14.79 -20.82 13.84
CA ALA F 140 -14.01 -21.87 14.51
C ALA F 140 -12.91 -22.38 13.60
N LEU F 141 -13.22 -22.59 12.32
CA LEU F 141 -12.21 -23.01 11.36
C LEU F 141 -11.12 -21.94 11.22
N TRP F 142 -11.51 -20.67 11.10
CA TRP F 142 -10.55 -19.64 10.71
C TRP F 142 -9.88 -18.95 11.89
N GLN F 143 -10.22 -19.32 13.14
CA GLN F 143 -9.73 -18.55 14.28
C GLN F 143 -8.23 -18.73 14.51
N ASN F 144 -7.71 -19.94 14.29
CA ASN F 144 -6.30 -20.24 14.54
C ASN F 144 -5.49 -20.33 13.26
N GLU F 145 -5.76 -19.47 12.29
CA GLU F 145 -5.10 -19.52 11.00
C GLU F 145 -4.65 -18.13 10.57
N ALA F 146 -3.91 -18.09 9.47
CA ALA F 146 -3.54 -16.85 8.81
C ALA F 146 -4.75 -16.34 8.03
N VAL F 147 -4.50 -15.44 7.07
CA VAL F 147 -5.56 -14.73 6.34
C VAL F 147 -6.71 -15.66 5.99
N ARG F 148 -7.92 -15.27 6.39
CA ARG F 148 -9.10 -16.10 6.24
C ARG F 148 -9.82 -15.78 4.94
N PHE F 149 -10.68 -16.68 4.52
CA PHE F 149 -11.46 -16.51 3.29
C PHE F 149 -12.95 -16.59 3.62
N GLU F 150 -13.67 -15.52 3.30
CA GLU F 150 -15.12 -15.51 3.39
C GLU F 150 -15.72 -16.24 2.20
N PRO F 151 -16.96 -16.73 2.34
CA PRO F 151 -17.57 -17.49 1.24
C PRO F 151 -17.65 -16.67 -0.05
N ILE F 152 -17.46 -17.36 -1.17
CA ILE F 152 -17.48 -16.71 -2.48
C ILE F 152 -18.89 -16.22 -2.78
N ARG F 153 -19.02 -14.93 -3.05
CA ARG F 153 -20.31 -14.32 -3.36
C ARG F 153 -20.38 -13.98 -4.85
N MET F 154 -21.46 -14.42 -5.49
CA MET F 154 -21.68 -14.13 -6.90
C MET F 154 -22.55 -12.88 -7.02
N ILE F 155 -21.95 -11.80 -7.51
CA ILE F 155 -22.60 -10.50 -7.58
C ILE F 155 -22.44 -9.94 -8.99
N LYS F 156 -23.52 -9.37 -9.52
CA LYS F 156 -23.48 -8.74 -10.83
C LYS F 156 -23.22 -7.25 -10.66
N VAL F 157 -22.14 -6.76 -11.25
CA VAL F 157 -21.72 -5.37 -11.13
C VAL F 157 -21.74 -4.75 -12.52
N ASN F 158 -22.46 -3.64 -12.66
CA ASN F 158 -22.55 -2.90 -13.92
C ASN F 158 -23.01 -3.79 -15.06
N GLY F 159 -23.90 -4.74 -14.77
CA GLY F 159 -24.39 -5.66 -15.78
C GLY F 159 -23.41 -6.72 -16.21
N THR F 160 -22.31 -6.89 -15.49
CA THR F 160 -21.28 -7.87 -15.82
C THR F 160 -21.23 -8.95 -14.74
N GLU F 161 -21.35 -10.21 -15.16
CA GLU F 161 -21.28 -11.32 -14.23
C GLU F 161 -19.88 -11.43 -13.64
N LEU F 162 -19.81 -11.68 -12.33
CA LEU F 162 -18.53 -11.73 -11.63
C LEU F 162 -18.73 -12.40 -10.28
N GLN F 163 -17.67 -13.03 -9.78
CA GLN F 163 -17.61 -13.54 -8.43
C GLN F 163 -16.36 -12.99 -7.75
N VAL F 164 -16.45 -12.81 -6.43
CA VAL F 164 -15.39 -12.18 -5.65
C VAL F 164 -14.94 -13.14 -4.57
N VAL F 165 -13.63 -13.29 -4.42
CA VAL F 165 -13.05 -14.12 -3.36
C VAL F 165 -12.55 -13.19 -2.27
N GLU F 166 -13.32 -13.08 -1.21
CA GLU F 166 -12.95 -12.24 -0.07
C GLU F 166 -11.83 -12.90 0.72
N PHE F 167 -10.91 -12.08 1.23
CA PHE F 167 -9.86 -12.55 2.11
C PHE F 167 -9.44 -11.43 3.04
N LYS F 168 -9.43 -11.72 4.34
CA LYS F 168 -9.07 -10.74 5.37
C LYS F 168 -7.93 -11.29 6.19
N ILE F 169 -6.95 -10.44 6.48
CA ILE F 169 -5.76 -10.84 7.24
C ILE F 169 -5.96 -10.49 8.70
N PRO F 170 -5.92 -11.47 9.61
CA PRO F 170 -6.00 -11.14 11.04
C PRO F 170 -4.74 -10.40 11.48
N GLY F 171 -4.91 -9.45 12.40
CA GLY F 171 -3.81 -8.55 12.72
C GLY F 171 -3.58 -7.59 11.57
N SER F 172 -2.31 -7.28 11.30
CA SER F 172 -1.99 -6.39 10.19
C SER F 172 -0.85 -6.88 9.32
N ASN F 173 -0.05 -7.85 9.78
CA ASN F 173 1.10 -8.31 9.01
C ASN F 173 1.25 -9.80 9.17
N LEU F 174 1.94 -10.41 8.21
CA LEU F 174 2.24 -11.83 8.19
C LEU F 174 3.75 -12.02 8.13
N PRO F 175 4.25 -13.18 8.55
CA PRO F 175 5.67 -13.48 8.33
C PRO F 175 6.01 -13.42 6.85
N VAL F 176 7.21 -12.94 6.55
CA VAL F 176 7.62 -12.76 5.16
C VAL F 176 7.64 -14.09 4.43
N ASP F 177 8.05 -15.16 5.13
CA ASP F 177 8.12 -16.49 4.57
C ASP F 177 6.83 -17.30 4.74
N PHE F 178 5.70 -16.61 4.95
CA PHE F 178 4.43 -17.29 5.16
C PHE F 178 4.05 -18.18 3.98
N LEU F 179 4.29 -17.71 2.75
CA LEU F 179 3.86 -18.46 1.57
C LEU F 179 4.50 -19.84 1.52
N HIS F 180 5.63 -20.04 2.19
CA HIS F 180 6.29 -21.34 2.20
C HIS F 180 5.42 -22.40 2.86
N HIS F 181 4.75 -22.05 3.95
CA HIS F 181 4.05 -23.02 4.79
C HIS F 181 2.56 -23.10 4.53
N TRP F 182 2.05 -22.40 3.52
CA TRP F 182 0.62 -22.43 3.24
C TRP F 182 0.22 -23.72 2.54
N ASP F 183 -0.98 -24.21 2.85
CA ASP F 183 -1.50 -25.44 2.26
C ASP F 183 -2.65 -25.18 1.30
N LEU F 184 -2.78 -23.95 0.80
CA LEU F 184 -3.89 -23.58 -0.06
C LEU F 184 -3.35 -23.27 -1.45
N LYS F 185 -3.70 -24.11 -2.42
CA LYS F 185 -3.37 -23.88 -3.82
C LYS F 185 -4.67 -23.78 -4.62
N ILE F 186 -4.82 -22.68 -5.35
CA ILE F 186 -6.07 -22.35 -6.04
C ILE F 186 -6.45 -23.37 -7.10
N GLU F 187 -5.47 -24.02 -7.73
CA GLU F 187 -5.76 -24.89 -8.87
C GLU F 187 -6.75 -25.99 -8.50
N ASP F 188 -6.69 -26.51 -7.28
CA ASP F 188 -7.55 -27.61 -6.87
C ASP F 188 -9.01 -27.20 -6.69
N PHE F 189 -9.31 -25.90 -6.64
CA PHE F 189 -10.67 -25.43 -6.41
C PHE F 189 -11.28 -24.78 -7.64
N ILE F 190 -10.76 -25.07 -8.83
CA ILE F 190 -11.28 -24.52 -10.07
C ILE F 190 -12.09 -25.60 -10.78
N ALA F 191 -13.34 -25.28 -11.10
CA ALA F 191 -14.21 -26.24 -11.77
C ALA F 191 -13.77 -26.48 -13.20
N THR F 192 -14.02 -27.67 -13.71
CA THR F 192 -13.71 -28.01 -15.10
C THR F 192 -14.93 -27.92 -16.01
N SER F 193 -16.12 -28.17 -15.48
CA SER F 193 -17.36 -28.10 -16.25
C SER F 193 -18.39 -27.28 -15.49
N PRO F 194 -19.29 -26.60 -16.21
CA PRO F 194 -20.32 -25.80 -15.52
C PRO F 194 -21.19 -26.61 -14.57
N ASN F 195 -21.53 -27.85 -14.93
CA ASN F 195 -22.37 -28.66 -14.06
C ASN F 195 -21.59 -29.18 -12.85
N GLU F 196 -20.27 -29.30 -12.99
CA GLU F 196 -19.45 -29.73 -11.86
C GLU F 196 -19.51 -28.69 -10.74
N GLN F 197 -19.65 -29.16 -9.51
CA GLN F 197 -19.74 -28.28 -8.35
C GLN F 197 -18.36 -28.08 -7.75
N LYS F 198 -18.01 -26.82 -7.53
CA LYS F 198 -16.68 -26.44 -7.03
C LYS F 198 -16.80 -25.05 -6.39
N PRO F 199 -15.84 -24.66 -5.55
CA PRO F 199 -15.88 -23.31 -5.00
C PRO F 199 -15.87 -22.21 -6.05
N VAL F 200 -15.15 -22.41 -7.14
CA VAL F 200 -15.03 -21.43 -8.21
C VAL F 200 -15.78 -21.95 -9.44
N LYS F 201 -16.76 -21.18 -9.89
CA LYS F 201 -17.51 -21.56 -11.09
C LYS F 201 -16.61 -21.50 -12.32
N PHE F 202 -16.84 -22.41 -13.26
CA PHE F 202 -15.99 -22.49 -14.44
C PHE F 202 -16.25 -21.30 -15.36
N ASP F 203 -15.15 -20.66 -15.80
CA ASP F 203 -15.17 -19.59 -16.80
C ASP F 203 -15.83 -18.32 -16.27
N VAL F 204 -16.35 -18.36 -15.05
CA VAL F 204 -16.95 -17.16 -14.47
C VAL F 204 -15.83 -16.23 -14.00
N PRO F 205 -15.90 -14.93 -14.30
CA PRO F 205 -14.82 -14.02 -13.89
C PRO F 205 -14.62 -14.03 -12.38
N VAL F 206 -13.35 -13.97 -11.97
CA VAL F 206 -12.97 -14.06 -10.57
C VAL F 206 -12.32 -12.75 -10.16
N ALA F 207 -12.77 -12.18 -9.05
CA ALA F 207 -12.29 -10.92 -8.55
C ALA F 207 -11.59 -11.10 -7.21
N LEU F 208 -10.36 -10.58 -7.12
CA LEU F 208 -9.60 -10.56 -5.88
C LEU F 208 -9.82 -9.21 -5.21
N TYR F 209 -10.37 -9.23 -3.99
CA TYR F 209 -10.71 -8.02 -3.28
C TYR F 209 -10.43 -8.19 -1.80
N GLY F 210 -9.83 -7.16 -1.19
CA GLY F 210 -9.43 -7.21 0.19
C GLY F 210 -8.02 -6.71 0.38
N PRO F 211 -7.78 -5.92 1.42
CA PRO F 211 -6.46 -5.35 1.64
C PRO F 211 -5.44 -6.42 2.00
N GLY F 212 -4.26 -6.31 1.37
CA GLY F 212 -3.20 -7.26 1.59
C GLY F 212 -1.95 -6.92 0.81
N PRO F 213 -0.84 -7.58 1.13
CA PRO F 213 0.42 -7.31 0.44
C PRO F 213 0.34 -7.74 -1.03
N ASN F 214 1.17 -7.08 -1.84
CA ASN F 214 1.13 -7.30 -3.29
C ASN F 214 1.61 -8.70 -3.66
N TRP F 215 2.57 -9.25 -2.92
CA TRP F 215 3.06 -10.59 -3.24
C TRP F 215 1.97 -11.63 -3.05
N LEU F 216 1.16 -11.47 -2.00
CA LEU F 216 0.02 -12.37 -1.81
C LEU F 216 -0.97 -12.25 -2.96
N TYR F 217 -1.21 -11.03 -3.44
CA TYR F 217 -2.08 -10.84 -4.59
C TYR F 217 -1.54 -11.56 -5.82
N ALA F 218 -0.24 -11.42 -6.07
CA ALA F 218 0.35 -12.10 -7.22
C ALA F 218 0.26 -13.61 -7.08
N PHE F 219 0.52 -14.14 -5.89
CA PHE F 219 0.43 -15.57 -5.68
C PHE F 219 -0.99 -16.08 -5.88
N LEU F 220 -1.99 -15.32 -5.41
CA LEU F 220 -3.37 -15.76 -5.55
C LEU F 220 -3.88 -15.63 -6.98
N THR F 221 -3.34 -14.68 -7.76
CA THR F 221 -3.84 -14.50 -9.12
C THR F 221 -3.11 -15.39 -10.13
N LEU F 222 -1.85 -15.76 -9.87
CA LEU F 222 -1.05 -16.40 -10.90
C LEU F 222 -1.60 -17.74 -11.39
N PRO F 223 -2.03 -18.67 -10.52
CA PRO F 223 -2.56 -19.94 -11.04
C PRO F 223 -3.86 -19.81 -11.82
N PHE F 224 -4.41 -18.61 -11.96
CA PHE F 224 -5.67 -18.42 -12.67
C PHE F 224 -5.52 -18.28 -14.17
N LYS F 225 -4.29 -18.33 -14.70
CA LYS F 225 -4.09 -18.14 -16.13
C LYS F 225 -4.72 -19.28 -16.92
N ASN F 226 -5.33 -18.92 -18.05
CA ASN F 226 -5.98 -19.86 -18.97
C ASN F 226 -7.16 -20.58 -18.34
N ARG F 227 -7.63 -20.12 -17.17
CA ARG F 227 -8.78 -20.72 -16.51
C ARG F 227 -9.95 -19.77 -16.39
N ASN F 228 -9.75 -18.58 -15.82
CA ASN F 228 -10.81 -17.60 -15.66
C ASN F 228 -10.22 -16.21 -15.79
N THR F 229 -11.07 -15.27 -16.21
CA THR F 229 -10.69 -13.86 -16.21
C THR F 229 -10.51 -13.38 -14.77
N VAL F 230 -9.48 -12.58 -14.54
CA VAL F 230 -9.11 -12.15 -13.20
C VAL F 230 -9.42 -10.67 -13.04
N PHE F 231 -10.10 -10.32 -11.96
CA PHE F 231 -10.34 -8.95 -11.56
C PHE F 231 -9.60 -8.66 -10.27
N VAL F 232 -9.07 -7.44 -10.16
CA VAL F 232 -8.33 -7.01 -8.98
C VAL F 232 -8.94 -5.70 -8.48
N PHE F 233 -9.15 -5.61 -7.17
CA PHE F 233 -9.75 -4.43 -6.56
C PHE F 233 -8.66 -3.50 -6.05
N ASN F 234 -8.67 -2.27 -6.54
CA ASN F 234 -7.73 -1.24 -6.11
C ASN F 234 -8.49 -0.22 -5.28
N SER F 235 -7.99 0.07 -4.08
CA SER F 235 -8.69 0.93 -3.13
C SER F 235 -8.42 2.41 -3.36
N ARG F 236 -7.59 2.77 -4.35
CA ARG F 236 -7.34 4.18 -4.61
C ARG F 236 -8.63 4.89 -5.03
N THR F 237 -9.42 4.24 -5.89
CA THR F 237 -10.73 4.77 -6.28
C THR F 237 -11.85 3.79 -6.04
N SER F 238 -11.58 2.63 -5.43
CA SER F 238 -12.58 1.63 -5.08
C SER F 238 -13.33 1.11 -6.31
N GLU F 239 -12.60 0.69 -7.33
CA GLU F 239 -13.21 0.08 -8.51
C GLU F 239 -12.45 -1.17 -8.89
N TYR F 240 -13.17 -2.14 -9.43
CA TYR F 240 -12.58 -3.39 -9.88
C TYR F 240 -11.81 -3.18 -11.18
N ILE F 241 -10.66 -3.82 -11.27
CA ILE F 241 -9.76 -3.70 -12.43
C ILE F 241 -9.53 -5.09 -13.02
N CYS F 242 -9.55 -5.17 -14.35
CA CYS F 242 -9.33 -6.43 -15.05
C CYS F 242 -7.88 -6.53 -15.50
N VAL F 243 -7.33 -7.75 -15.42
CA VAL F 243 -5.95 -7.99 -15.82
C VAL F 243 -5.78 -9.16 -16.77
N TYR F 244 -6.86 -9.86 -17.13
CA TYR F 244 -6.80 -10.97 -18.07
C TYR F 244 -8.05 -10.99 -18.95
N SER F 245 -7.86 -11.29 -20.22
CA SER F 245 -8.94 -11.39 -21.20
C SER F 245 -9.00 -12.83 -21.71
N LYS F 246 -9.74 -13.67 -20.99
CA LYS F 246 -9.98 -15.03 -21.42
C LYS F 246 -11.39 -15.26 -21.95
N SER F 247 -12.28 -14.30 -21.76
CA SER F 247 -13.65 -14.37 -22.27
C SER F 247 -13.91 -13.20 -23.20
N ALA F 248 -14.67 -13.45 -24.26
CA ALA F 248 -14.94 -12.44 -25.26
C ALA F 248 -15.74 -11.29 -24.68
N GLY F 249 -15.41 -10.08 -25.14
CA GLY F 249 -16.08 -8.87 -24.69
C GLY F 249 -15.50 -8.24 -23.45
N LEU F 250 -14.50 -8.87 -22.82
CA LEU F 250 -13.92 -8.36 -21.59
C LEU F 250 -12.43 -8.12 -21.80
N ALA F 251 -12.03 -6.84 -21.94
CA ALA F 251 -10.64 -6.48 -22.17
C ALA F 251 -9.97 -6.05 -20.86
N PRO F 252 -8.66 -6.29 -20.73
CA PRO F 252 -7.96 -5.91 -19.50
C PRO F 252 -7.80 -4.40 -19.42
N GLY F 253 -8.42 -3.79 -18.41
CA GLY F 253 -8.24 -2.36 -18.19
C GLY F 253 -9.50 -1.62 -17.79
N MET F 254 -10.65 -2.18 -18.11
CA MET F 254 -11.92 -1.54 -17.80
C MET F 254 -12.16 -1.52 -16.29
N VAL F 255 -13.08 -0.66 -15.88
CA VAL F 255 -13.39 -0.49 -14.46
C VAL F 255 -14.82 -0.97 -14.20
N LEU F 256 -15.06 -1.36 -12.95
CA LEU F 256 -16.39 -1.71 -12.46
C LEU F 256 -16.69 -0.84 -11.25
N LYS F 257 -17.68 0.03 -11.38
CA LYS F 257 -18.06 0.91 -10.29
C LYS F 257 -18.66 0.08 -9.16
N GLY F 258 -18.03 0.13 -7.98
CA GLY F 258 -18.49 -0.63 -6.84
C GLY F 258 -18.88 0.23 -5.66
#